data_1POG
#
_entry.id   1POG
#
_cell.length_a   1.000
_cell.length_b   1.000
_cell.length_c   1.000
_cell.angle_alpha   90.00
_cell.angle_beta   90.00
_cell.angle_gamma   90.00
#
_symmetry.space_group_name_H-M   'P 1'
#
_entity_poly.entity_id   1
_entity_poly.type   'polypeptide(L)'
_entity_poly.pdbx_seq_one_letter_code
;RGSHMRRRKKRTSIETNIRVALEKSFLENQKPTSEEITMIADQLNMEKEVIRVWFCNRRQKEKRIDI
;
_entity_poly.pdbx_strand_id   A
#
# COMPACT_ATOMS: atom_id res chain seq x y z
N ARG A 6 -16.67 -6.84 14.52
CA ARG A 6 -17.57 -7.15 13.39
C ARG A 6 -17.15 -6.37 12.11
N ARG A 7 -17.25 -5.01 12.12
CA ARG A 7 -16.95 -4.17 10.94
C ARG A 7 -15.44 -3.80 10.93
N ARG A 8 -14.68 -4.44 10.02
CA ARG A 8 -13.21 -4.21 9.86
C ARG A 8 -12.84 -2.97 8.99
N LYS A 9 -13.51 -2.75 7.84
CA LYS A 9 -13.20 -1.68 6.85
C LYS A 9 -11.98 -2.15 6.01
N LYS A 10 -12.26 -2.94 4.95
CA LYS A 10 -11.21 -3.57 4.10
C LYS A 10 -11.61 -3.66 2.60
N ARG A 11 -10.59 -3.72 1.73
CA ARG A 11 -10.75 -3.89 0.26
C ARG A 11 -9.51 -4.63 -0.29
N THR A 12 -9.80 -5.61 -1.15
CA THR A 12 -8.73 -6.37 -1.90
C THR A 12 -9.03 -6.32 -3.42
N SER A 13 -9.01 -5.10 -3.98
CA SER A 13 -9.25 -4.85 -5.41
C SER A 13 -8.45 -3.58 -5.77
N ILE A 14 -7.67 -3.65 -6.86
CA ILE A 14 -6.83 -2.52 -7.31
C ILE A 14 -7.77 -1.58 -8.15
N GLU A 15 -7.76 -0.34 -7.66
CA GLU A 15 -8.53 0.80 -8.17
C GLU A 15 -7.41 1.88 -8.22
N THR A 16 -7.40 2.61 -9.35
CA THR A 16 -6.32 3.59 -9.69
C THR A 16 -5.87 4.59 -8.57
N ASN A 17 -6.81 5.16 -7.78
CA ASN A 17 -6.47 6.03 -6.62
C ASN A 17 -5.85 5.27 -5.39
N ILE A 18 -6.19 3.99 -5.03
CA ILE A 18 -5.39 3.24 -4.01
C ILE A 18 -4.02 2.77 -4.60
N ARG A 19 -3.90 2.27 -5.84
CA ARG A 19 -2.59 1.93 -6.48
C ARG A 19 -1.55 3.08 -6.47
N VAL A 20 -1.99 4.31 -6.75
CA VAL A 20 -1.18 5.57 -6.69
C VAL A 20 -0.89 6.03 -5.25
N ALA A 21 -1.90 6.08 -4.38
CA ALA A 21 -1.72 6.36 -2.93
C ALA A 21 -0.83 5.30 -2.19
N LEU A 22 -0.81 4.04 -2.65
CA LEU A 22 0.14 2.98 -2.21
C LEU A 22 1.54 3.17 -2.89
N GLU A 23 1.61 3.50 -4.19
CA GLU A 23 2.88 3.80 -4.92
C GLU A 23 3.64 5.05 -4.42
N LYS A 24 2.92 6.15 -4.18
CA LYS A 24 3.49 7.42 -3.65
C LYS A 24 3.80 7.44 -2.13
N SER A 25 3.15 6.55 -1.35
CA SER A 25 3.54 6.14 0.03
C SER A 25 5.02 5.64 0.17
N PHE A 26 5.47 4.87 -0.84
CA PHE A 26 6.85 4.38 -1.00
C PHE A 26 7.87 5.53 -1.29
N LEU A 27 7.57 6.37 -2.30
CA LEU A 27 8.35 7.58 -2.68
C LEU A 27 8.63 8.64 -1.56
N GLU A 28 7.83 8.63 -0.46
CA GLU A 28 8.06 9.44 0.76
C GLU A 28 9.06 8.67 1.67
N ASN A 29 8.68 7.45 2.12
CA ASN A 29 9.56 6.52 2.87
C ASN A 29 9.35 5.11 2.28
N GLN A 30 10.48 4.51 1.85
CA GLN A 30 10.51 3.22 1.09
C GLN A 30 10.22 1.95 1.93
N LYS A 31 10.90 1.77 3.07
CA LYS A 31 10.63 0.66 4.03
C LYS A 31 10.15 1.30 5.38
N PRO A 32 8.89 1.81 5.51
CA PRO A 32 8.36 2.33 6.82
C PRO A 32 7.48 1.29 7.61
N THR A 33 7.79 0.01 7.43
CA THR A 33 6.81 -1.07 7.28
C THR A 33 5.70 -1.24 8.31
N SER A 34 5.81 -2.17 9.26
CA SER A 34 4.68 -2.51 10.18
C SER A 34 3.84 -1.36 10.82
N GLU A 35 4.48 -0.24 11.17
CA GLU A 35 3.77 0.95 11.72
C GLU A 35 3.01 1.80 10.64
N GLU A 36 3.64 2.08 9.50
CA GLU A 36 3.04 2.82 8.37
C GLU A 36 1.90 2.07 7.60
N ILE A 37 1.96 0.74 7.41
CA ILE A 37 0.86 -0.08 6.79
C ILE A 37 -0.53 0.20 7.46
N THR A 38 -0.55 0.23 8.79
CA THR A 38 -1.70 0.70 9.62
C THR A 38 -2.20 2.14 9.29
N MET A 39 -1.32 3.16 9.38
CA MET A 39 -1.65 4.57 9.08
C MET A 39 -2.15 4.86 7.62
N ILE A 40 -1.56 4.18 6.61
CA ILE A 40 -1.97 4.24 5.18
C ILE A 40 -3.40 3.63 4.97
N ALA A 41 -3.69 2.45 5.55
CA ALA A 41 -5.06 1.86 5.48
C ALA A 41 -6.19 2.72 6.10
N ASP A 42 -5.91 3.40 7.22
CA ASP A 42 -6.85 4.36 7.88
C ASP A 42 -7.20 5.60 6.99
N GLN A 43 -6.22 6.14 6.25
CA GLN A 43 -6.41 7.26 5.28
C GLN A 43 -7.54 7.00 4.23
N LEU A 44 -7.58 5.81 3.57
CA LEU A 44 -8.70 5.42 2.67
C LEU A 44 -9.54 4.35 3.45
N ASN A 45 -9.75 3.18 2.83
CA ASN A 45 -10.47 2.00 3.40
C ASN A 45 -9.79 0.78 2.71
N MET A 46 -8.51 0.50 3.06
CA MET A 46 -7.70 -0.56 2.40
C MET A 46 -7.64 -1.85 3.27
N GLU A 47 -7.36 -3.02 2.65
CA GLU A 47 -6.88 -4.21 3.40
C GLU A 47 -5.35 -4.07 3.65
N LYS A 48 -4.94 -4.65 4.78
CA LYS A 48 -3.51 -4.71 5.21
C LYS A 48 -2.58 -5.85 4.80
N GLU A 49 -3.19 -7.00 4.55
CA GLU A 49 -2.56 -8.11 3.78
C GLU A 49 -2.07 -7.55 2.39
N VAL A 50 -2.97 -6.81 1.72
CA VAL A 50 -2.73 -5.99 0.52
C VAL A 50 -1.56 -4.98 0.65
N ILE A 51 -1.54 -4.05 1.64
CA ILE A 51 -0.43 -3.04 1.75
C ILE A 51 1.00 -3.68 1.83
N ARG A 52 1.17 -4.63 2.74
CA ARG A 52 2.43 -5.38 2.96
C ARG A 52 2.92 -6.13 1.68
N VAL A 53 2.01 -6.83 0.97
CA VAL A 53 2.26 -7.52 -0.33
C VAL A 53 2.54 -6.51 -1.49
N TRP A 54 1.69 -5.47 -1.71
CA TRP A 54 1.97 -4.39 -2.70
C TRP A 54 3.35 -3.69 -2.44
N PHE A 55 3.64 -3.30 -1.17
CA PHE A 55 4.94 -2.74 -0.75
C PHE A 55 6.17 -3.70 -0.96
N CYS A 56 6.00 -5.03 -0.76
CA CYS A 56 7.03 -6.06 -1.08
C CYS A 56 7.44 -6.16 -2.58
N ASN A 57 6.45 -5.97 -3.48
CA ASN A 57 6.65 -6.00 -4.96
C ASN A 57 7.25 -4.63 -5.45
N ARG A 58 6.78 -3.47 -4.95
CA ARG A 58 7.43 -2.15 -5.18
C ARG A 58 8.93 -2.01 -4.72
N ARG A 59 9.30 -2.78 -3.69
CA ARG A 59 10.68 -2.87 -3.12
C ARG A 59 11.81 -3.19 -4.14
N GLN A 60 11.63 -4.20 -5.03
CA GLN A 60 12.59 -4.49 -6.13
C GLN A 60 12.34 -3.71 -7.48
N LYS A 61 11.24 -2.94 -7.62
CA LYS A 61 10.98 -2.07 -8.80
C LYS A 61 10.24 -0.83 -8.27
N GLU A 62 11.15 0.03 -7.89
CA GLU A 62 10.90 1.34 -7.22
C GLU A 62 10.34 2.38 -8.24
N LYS A 63 11.19 2.78 -9.20
CA LYS A 63 10.79 3.66 -10.34
C LYS A 63 11.56 3.09 -11.57
N ARG A 64 11.11 1.90 -12.04
CA ARG A 64 11.78 1.12 -13.11
C ARG A 64 10.84 1.05 -14.36
N ILE A 65 9.99 0.02 -14.47
CA ILE A 65 9.08 -0.19 -15.64
C ILE A 65 7.63 -0.37 -15.08
N ASP A 66 7.32 -1.61 -14.69
CA ASP A 66 5.97 -2.01 -14.21
C ASP A 66 5.83 -1.81 -12.68
N ILE A 67 5.02 -0.81 -12.29
CA ILE A 67 4.75 -0.46 -10.86
C ILE A 67 3.34 -1.03 -10.56
N ARG A 6 -17.77 -7.39 8.09
CA ARG A 6 -16.37 -7.83 7.93
C ARG A 6 -16.04 -7.90 6.41
N ARG A 7 -15.12 -7.01 5.96
CA ARG A 7 -14.65 -6.92 4.55
C ARG A 7 -15.78 -6.40 3.61
N ARG A 8 -15.74 -5.08 3.32
CA ARG A 8 -16.73 -4.39 2.45
C ARG A 8 -16.02 -3.14 1.84
N LYS A 9 -15.80 -2.09 2.66
CA LYS A 9 -15.03 -0.88 2.25
C LYS A 9 -13.48 -1.11 2.14
N LYS A 10 -12.87 -1.82 3.12
CA LYS A 10 -11.45 -2.22 3.08
C LYS A 10 -11.37 -3.58 2.35
N ARG A 11 -10.54 -3.65 1.28
CA ARG A 11 -10.40 -4.86 0.43
C ARG A 11 -8.91 -5.21 0.14
N THR A 12 -8.73 -6.46 -0.33
CA THR A 12 -7.41 -6.99 -0.79
C THR A 12 -7.33 -6.95 -2.36
N SER A 13 -7.52 -5.74 -2.94
CA SER A 13 -7.48 -5.52 -4.41
C SER A 13 -6.79 -4.17 -4.71
N ILE A 14 -5.85 -4.20 -5.67
CA ILE A 14 -5.06 -3.02 -6.10
C ILE A 14 -5.86 -2.39 -7.29
N GLU A 15 -6.36 -1.15 -7.17
CA GLU A 15 -7.20 -0.52 -8.24
C GLU A 15 -6.42 0.74 -8.75
N THR A 16 -7.08 1.91 -8.83
CA THR A 16 -6.44 3.21 -9.21
C THR A 16 -5.90 3.97 -7.97
N ASN A 17 -6.80 4.61 -7.20
CA ASN A 17 -6.43 5.45 -6.03
C ASN A 17 -5.68 4.75 -4.86
N ILE A 18 -5.84 3.44 -4.60
CA ILE A 18 -4.90 2.70 -3.71
C ILE A 18 -3.51 2.62 -4.40
N ARG A 19 -3.39 2.01 -5.59
CA ARG A 19 -2.11 1.83 -6.31
C ARG A 19 -1.21 3.08 -6.56
N VAL A 20 -1.88 4.24 -6.68
CA VAL A 20 -1.29 5.59 -6.82
C VAL A 20 -0.76 6.13 -5.44
N ALA A 21 -1.66 6.17 -4.43
CA ALA A 21 -1.33 6.55 -3.03
C ALA A 21 -0.29 5.61 -2.34
N LEU A 22 -0.33 4.29 -2.63
CA LEU A 22 0.68 3.30 -2.19
C LEU A 22 2.05 3.51 -2.93
N GLU A 23 2.05 3.81 -4.25
CA GLU A 23 3.26 4.24 -5.02
C GLU A 23 4.00 5.46 -4.41
N LYS A 24 3.27 6.51 -4.06
CA LYS A 24 3.82 7.74 -3.42
C LYS A 24 4.18 7.62 -1.90
N SER A 25 3.54 6.69 -1.18
CA SER A 25 3.92 6.20 0.17
C SER A 25 5.39 5.69 0.27
N PHE A 26 5.81 4.92 -0.74
CA PHE A 26 7.20 4.44 -0.94
C PHE A 26 8.25 5.59 -1.10
N LEU A 27 7.95 6.53 -2.00
CA LEU A 27 8.75 7.76 -2.26
C LEU A 27 9.02 8.68 -1.01
N GLU A 28 8.17 8.59 0.04
CA GLU A 28 8.38 9.22 1.36
C GLU A 28 9.28 8.25 2.20
N ASN A 29 8.76 7.06 2.54
CA ASN A 29 9.53 5.98 3.23
C ASN A 29 9.24 4.63 2.50
N GLN A 30 10.33 3.91 2.21
CA GLN A 30 10.31 2.56 1.58
C GLN A 30 9.89 1.46 2.59
N LYS A 31 10.64 1.37 3.69
CA LYS A 31 10.29 0.54 4.88
C LYS A 31 9.83 1.54 5.97
N PRO A 32 8.54 2.03 6.00
CA PRO A 32 8.00 2.79 7.15
C PRO A 32 8.01 1.94 8.47
N THR A 33 7.58 0.67 8.38
CA THR A 33 7.60 -0.38 9.39
C THR A 33 6.33 -1.27 9.37
N SER A 34 6.45 -2.57 9.72
CA SER A 34 5.29 -3.53 9.81
C SER A 34 4.00 -3.01 10.52
N GLU A 35 4.23 -2.26 11.61
CA GLU A 35 3.17 -1.53 12.38
C GLU A 35 2.79 -0.20 11.69
N GLU A 36 3.82 0.56 11.26
CA GLU A 36 3.69 1.78 10.44
C GLU A 36 2.87 1.66 9.09
N ILE A 37 2.75 0.44 8.50
CA ILE A 37 1.79 0.08 7.41
C ILE A 37 0.30 0.44 7.79
N THR A 38 -0.08 0.14 9.05
CA THR A 38 -1.41 0.45 9.64
C THR A 38 -1.89 1.95 9.52
N MET A 39 -0.98 2.92 9.74
CA MET A 39 -1.26 4.38 9.57
C MET A 39 -1.63 4.80 8.11
N ILE A 40 -0.93 4.23 7.12
CA ILE A 40 -1.20 4.42 5.65
C ILE A 40 -2.65 3.95 5.27
N ALA A 41 -3.07 2.76 5.74
CA ALA A 41 -4.47 2.27 5.57
C ALA A 41 -5.60 3.21 6.09
N ASP A 42 -5.37 3.85 7.25
CA ASP A 42 -6.28 4.88 7.84
C ASP A 42 -6.43 6.16 6.94
N GLN A 43 -5.32 6.66 6.39
CA GLN A 43 -5.29 7.80 5.41
C GLN A 43 -6.23 7.56 4.18
N LEU A 44 -6.07 6.43 3.44
CA LEU A 44 -7.01 6.02 2.36
C LEU A 44 -8.10 5.07 2.99
N ASN A 45 -8.38 3.91 2.38
CA ASN A 45 -9.37 2.91 2.91
C ASN A 45 -8.89 1.52 2.39
N MET A 46 -7.85 0.96 3.04
CA MET A 46 -7.21 -0.32 2.60
C MET A 46 -7.18 -1.44 3.68
N GLU A 47 -7.03 -2.71 3.19
CA GLU A 47 -6.56 -3.82 4.06
C GLU A 47 -5.00 -3.69 4.27
N LYS A 48 -4.39 -4.41 5.22
CA LYS A 48 -2.90 -4.36 5.44
C LYS A 48 -1.93 -5.42 4.90
N GLU A 49 -2.42 -6.66 4.85
CA GLU A 49 -1.71 -7.81 4.18
C GLU A 49 -1.31 -7.46 2.71
N VAL A 50 -2.32 -6.96 2.00
CA VAL A 50 -2.28 -6.24 0.68
C VAL A 50 -1.25 -5.07 0.58
N ILE A 51 -1.22 -4.14 1.55
CA ILE A 51 -0.23 -3.00 1.59
C ILE A 51 1.24 -3.50 1.70
N ARG A 52 1.50 -4.37 2.70
CA ARG A 52 2.83 -5.03 2.90
C ARG A 52 3.28 -5.87 1.66
N VAL A 53 2.33 -6.59 1.01
CA VAL A 53 2.50 -7.29 -0.31
C VAL A 53 2.79 -6.27 -1.46
N TRP A 54 2.00 -5.17 -1.62
CA TRP A 54 2.29 -4.09 -2.61
C TRP A 54 3.69 -3.44 -2.39
N PHE A 55 4.07 -3.14 -1.13
CA PHE A 55 5.39 -2.63 -0.76
C PHE A 55 6.53 -3.65 -1.07
N CYS A 56 6.39 -4.96 -0.76
CA CYS A 56 7.33 -6.04 -1.20
C CYS A 56 7.59 -6.14 -2.74
N ASN A 57 6.55 -5.81 -3.53
CA ASN A 57 6.58 -5.78 -5.02
C ASN A 57 7.29 -4.46 -5.51
N ARG A 58 6.92 -3.28 -5.00
CA ARG A 58 7.63 -1.99 -5.26
C ARG A 58 9.14 -1.93 -4.87
N ARG A 59 9.51 -2.59 -3.76
CA ARG A 59 10.94 -2.72 -3.29
C ARG A 59 11.93 -3.33 -4.34
N GLN A 60 11.46 -4.24 -5.23
CA GLN A 60 12.27 -4.80 -6.35
C GLN A 60 12.23 -3.93 -7.66
N LYS A 61 11.18 -3.11 -7.93
CA LYS A 61 11.14 -2.20 -9.10
C LYS A 61 10.41 -0.93 -8.57
N GLU A 62 11.31 -0.05 -8.19
CA GLU A 62 11.10 1.23 -7.46
C GLU A 62 10.55 2.45 -8.25
N LYS A 63 11.13 2.70 -9.43
CA LYS A 63 10.82 3.89 -10.28
C LYS A 63 9.62 3.72 -11.27
N ARG A 64 8.55 3.11 -10.76
CA ARG A 64 7.28 2.90 -11.54
C ARG A 64 6.36 4.15 -11.47
N ILE A 65 5.49 4.26 -12.49
CA ILE A 65 4.58 5.42 -12.69
C ILE A 65 3.24 5.16 -11.96
N ASP A 66 2.36 4.40 -12.62
CA ASP A 66 0.99 4.08 -12.13
C ASP A 66 0.91 2.73 -11.34
N ILE A 67 1.34 1.60 -11.96
CA ILE A 67 1.25 0.25 -11.34
C ILE A 67 2.18 0.06 -10.12
N ARG A 6 -13.88 -1.22 13.49
CA ARG A 6 -12.40 -1.24 13.66
C ARG A 6 -11.80 0.11 13.19
N ARG A 7 -11.47 0.26 11.89
CA ARG A 7 -10.85 1.50 11.32
C ARG A 7 -11.64 1.80 10.02
N ARG A 8 -11.13 1.43 8.83
CA ARG A 8 -11.84 1.59 7.52
C ARG A 8 -11.27 0.49 6.59
N LYS A 9 -11.80 -0.74 6.75
CA LYS A 9 -11.35 -1.93 6.00
C LYS A 9 -12.58 -2.50 5.24
N LYS A 10 -12.70 -2.25 3.92
CA LYS A 10 -13.85 -2.77 3.11
C LYS A 10 -13.62 -2.95 1.57
N ARG A 11 -12.38 -3.16 1.10
CA ARG A 11 -12.08 -3.44 -0.34
C ARG A 11 -10.75 -4.22 -0.46
N THR A 12 -10.78 -5.29 -1.27
CA THR A 12 -9.56 -6.10 -1.59
C THR A 12 -9.50 -6.42 -3.13
N SER A 13 -9.45 -5.36 -3.93
CA SER A 13 -9.32 -5.44 -5.41
C SER A 13 -8.55 -4.16 -5.79
N ILE A 14 -7.35 -4.36 -6.37
CA ILE A 14 -6.41 -3.27 -6.67
C ILE A 14 -6.75 -2.76 -8.10
N GLU A 15 -7.48 -1.63 -8.20
CA GLU A 15 -7.93 -1.08 -9.51
C GLU A 15 -7.12 0.23 -9.73
N THR A 16 -7.78 1.40 -9.87
CA THR A 16 -7.11 2.71 -10.03
C THR A 16 -6.80 3.42 -8.68
N ASN A 17 -7.83 4.00 -8.06
CA ASN A 17 -7.69 4.85 -6.85
C ASN A 17 -7.07 4.24 -5.56
N ILE A 18 -7.28 2.94 -5.24
CA ILE A 18 -6.52 2.29 -4.12
C ILE A 18 -5.02 2.07 -4.51
N ARG A 19 -4.76 1.51 -5.72
CA ARG A 19 -3.40 1.28 -6.28
C ARG A 19 -2.46 2.51 -6.41
N VAL A 20 -3.04 3.65 -6.79
CA VAL A 20 -2.37 4.97 -6.95
C VAL A 20 -1.93 5.57 -5.57
N ALA A 21 -2.87 5.59 -4.62
CA ALA A 21 -2.62 5.93 -3.19
C ALA A 21 -1.61 4.95 -2.49
N LEU A 22 -1.62 3.64 -2.85
CA LEU A 22 -0.60 2.66 -2.38
C LEU A 22 0.77 2.80 -3.09
N GLU A 23 0.79 3.17 -4.38
CA GLU A 23 2.03 3.57 -5.11
C GLU A 23 2.64 4.86 -4.50
N LYS A 24 1.86 5.90 -4.18
CA LYS A 24 2.37 7.14 -3.54
C LYS A 24 2.79 7.04 -2.04
N SER A 25 2.25 6.04 -1.33
CA SER A 25 2.73 5.52 0.00
C SER A 25 4.25 5.19 0.03
N PHE A 26 4.64 4.41 -1.00
CA PHE A 26 6.00 3.95 -1.31
C PHE A 26 6.99 5.11 -1.66
N LEU A 27 6.58 5.99 -2.59
CA LEU A 27 7.32 7.22 -2.99
C LEU A 27 7.58 8.29 -1.88
N GLU A 28 6.83 8.26 -0.77
CA GLU A 28 7.05 9.13 0.42
C GLU A 28 8.17 8.44 1.26
N ASN A 29 7.87 7.25 1.83
CA ASN A 29 8.86 6.36 2.47
C ASN A 29 8.45 4.94 2.00
N GLN A 30 9.45 4.13 1.60
CA GLN A 30 9.18 2.75 1.07
C GLN A 30 8.68 1.83 2.22
N LYS A 31 9.57 1.47 3.16
CA LYS A 31 9.27 0.72 4.44
C LYS A 31 7.82 0.83 4.97
N PRO A 32 6.93 -0.16 4.65
CA PRO A 32 5.60 -0.31 5.28
C PRO A 32 5.49 0.03 6.76
N THR A 33 6.40 -0.55 7.58
CA THR A 33 6.36 -0.47 9.05
C THR A 33 5.12 -1.36 9.40
N SER A 34 5.30 -2.67 9.69
CA SER A 34 4.17 -3.64 9.93
C SER A 34 2.96 -3.14 10.78
N GLU A 35 3.30 -2.30 11.76
CA GLU A 35 2.31 -1.54 12.60
C GLU A 35 1.82 -0.25 11.89
N GLU A 36 2.75 0.54 11.31
CA GLU A 36 2.46 1.70 10.44
C GLU A 36 1.51 1.43 9.22
N ILE A 37 1.43 0.19 8.64
CA ILE A 37 0.42 -0.18 7.60
C ILE A 37 -1.06 0.02 8.12
N THR A 38 -1.35 -0.25 9.41
CA THR A 38 -2.70 -0.05 10.02
C THR A 38 -3.34 1.37 9.80
N MET A 39 -2.50 2.42 9.82
CA MET A 39 -2.86 3.80 9.44
C MET A 39 -3.15 3.97 7.91
N ILE A 40 -2.35 3.31 7.04
CA ILE A 40 -2.56 3.26 5.54
C ILE A 40 -3.97 2.72 5.18
N ALA A 41 -4.34 1.52 5.69
CA ALA A 41 -5.70 0.94 5.50
C ALA A 41 -6.87 1.86 5.93
N ASP A 42 -6.71 2.56 7.08
CA ASP A 42 -7.68 3.58 7.57
C ASP A 42 -7.78 4.85 6.67
N GLN A 43 -6.61 5.40 6.26
CA GLN A 43 -6.50 6.57 5.34
C GLN A 43 -7.28 6.35 3.99
N LEU A 44 -7.00 5.24 3.27
CA LEU A 44 -7.80 4.84 2.09
C LEU A 44 -8.96 3.89 2.56
N ASN A 45 -9.30 2.85 1.80
CA ASN A 45 -10.33 1.84 2.19
C ASN A 45 -9.86 0.44 1.71
N MET A 46 -8.80 -0.09 2.34
CA MET A 46 -8.23 -1.44 2.00
C MET A 46 -8.50 -2.40 3.20
N GLU A 47 -8.80 -3.71 2.98
CA GLU A 47 -8.65 -4.72 4.08
C GLU A 47 -7.13 -5.09 4.10
N LYS A 48 -6.46 -4.76 5.19
CA LYS A 48 -4.97 -4.73 5.31
C LYS A 48 -4.04 -5.90 4.92
N GLU A 49 -4.58 -7.11 4.90
CA GLU A 49 -3.83 -8.31 4.36
C GLU A 49 -3.15 -8.11 2.94
N VAL A 50 -3.77 -7.23 2.15
CA VAL A 50 -3.38 -6.70 0.82
C VAL A 50 -2.22 -5.64 0.79
N ILE A 51 -2.12 -4.70 1.75
CA ILE A 51 -1.07 -3.63 1.70
C ILE A 51 0.35 -4.25 1.87
N ARG A 52 0.66 -5.08 2.91
CA ARG A 52 1.97 -5.78 3.00
C ARG A 52 2.32 -6.59 1.71
N VAL A 53 1.37 -7.35 1.13
CA VAL A 53 1.52 -8.07 -0.17
C VAL A 53 1.64 -7.14 -1.43
N TRP A 54 0.87 -6.04 -1.56
CA TRP A 54 1.06 -4.99 -2.61
C TRP A 54 2.47 -4.34 -2.52
N PHE A 55 2.90 -3.94 -1.31
CA PHE A 55 4.27 -3.44 -1.03
C PHE A 55 5.40 -4.51 -1.30
N CYS A 56 5.15 -5.81 -1.02
CA CYS A 56 6.04 -6.95 -1.40
C CYS A 56 6.21 -7.19 -2.94
N ASN A 57 5.13 -6.92 -3.70
CA ASN A 57 5.10 -7.03 -5.17
C ASN A 57 5.71 -5.76 -5.83
N ARG A 58 5.32 -4.51 -5.42
CA ARG A 58 5.93 -3.27 -5.93
C ARG A 58 7.40 -2.99 -5.46
N ARG A 59 7.97 -3.62 -4.39
CA ARG A 59 9.40 -3.38 -3.97
C ARG A 59 10.55 -3.63 -5.01
N GLN A 60 10.24 -4.15 -6.21
CA GLN A 60 11.18 -4.23 -7.35
C GLN A 60 11.21 -2.89 -8.17
N LYS A 61 10.13 -2.08 -8.23
CA LYS A 61 10.12 -0.74 -8.91
C LYS A 61 10.90 0.47 -8.30
N GLU A 62 11.50 0.21 -7.15
CA GLU A 62 12.39 1.15 -6.39
C GLU A 62 13.54 1.75 -7.24
N LYS A 63 14.27 0.89 -7.99
CA LYS A 63 15.32 1.34 -8.94
C LYS A 63 15.36 0.36 -10.16
N ARG A 64 14.24 0.27 -10.92
CA ARG A 64 14.13 -0.61 -12.11
C ARG A 64 13.23 0.03 -13.21
N ILE A 65 11.91 0.12 -12.97
CA ILE A 65 10.92 0.61 -13.98
C ILE A 65 10.50 2.07 -13.64
N ASP A 66 9.58 2.19 -12.67
CA ASP A 66 9.00 3.50 -12.26
C ASP A 66 9.84 4.15 -11.13
N ILE A 67 10.82 4.99 -11.55
CA ILE A 67 11.74 5.76 -10.66
C ILE A 67 12.49 4.91 -9.59
N ARG A 6 -16.68 5.78 4.74
CA ARG A 6 -15.84 4.99 3.80
C ARG A 6 -14.89 4.03 4.57
N ARG A 7 -13.87 4.56 5.28
CA ARG A 7 -12.83 3.74 5.98
C ARG A 7 -13.24 2.56 6.92
N ARG A 8 -14.40 2.63 7.60
CA ARG A 8 -14.90 1.52 8.45
C ARG A 8 -15.75 0.48 7.64
N LYS A 9 -15.09 -0.20 6.68
CA LYS A 9 -15.71 -1.20 5.77
C LYS A 9 -14.72 -2.35 5.43
N LYS A 10 -13.50 -2.01 4.96
CA LYS A 10 -12.41 -2.93 4.56
C LYS A 10 -12.72 -3.79 3.30
N ARG A 11 -11.96 -3.56 2.21
CA ARG A 11 -12.10 -4.28 0.92
C ARG A 11 -10.70 -4.49 0.28
N THR A 12 -10.61 -5.55 -0.52
CA THR A 12 -9.36 -5.92 -1.25
C THR A 12 -9.32 -5.28 -2.67
N SER A 13 -9.52 -3.96 -2.76
CA SER A 13 -9.58 -3.23 -4.06
C SER A 13 -8.21 -2.73 -4.58
N ILE A 14 -7.67 -3.61 -5.42
CA ILE A 14 -6.38 -3.44 -6.12
C ILE A 14 -6.80 -3.07 -7.57
N GLU A 15 -7.08 -1.77 -7.81
CA GLU A 15 -7.49 -1.26 -9.13
C GLU A 15 -6.83 0.14 -9.25
N THR A 16 -7.59 1.26 -9.32
CA THR A 16 -7.00 2.63 -9.32
C THR A 16 -6.84 3.23 -7.90
N ASN A 17 -7.87 3.91 -7.37
CA ASN A 17 -7.76 4.77 -6.15
C ASN A 17 -7.15 4.25 -4.82
N ILE A 18 -7.26 2.95 -4.42
CA ILE A 18 -6.34 2.43 -3.35
C ILE A 18 -4.92 2.34 -4.00
N ARG A 19 -4.75 1.51 -5.04
CA ARG A 19 -3.42 1.22 -5.63
C ARG A 19 -2.46 2.37 -6.00
N VAL A 20 -3.01 3.49 -6.46
CA VAL A 20 -2.30 4.80 -6.63
C VAL A 20 -1.74 5.32 -5.29
N ALA A 21 -2.66 5.50 -4.32
CA ALA A 21 -2.34 5.82 -2.91
C ALA A 21 -1.38 4.81 -2.19
N LEU A 22 -1.41 3.50 -2.52
CA LEU A 22 -0.41 2.50 -2.03
C LEU A 22 0.96 2.60 -2.77
N GLU A 23 0.97 2.79 -4.10
CA GLU A 23 2.18 3.13 -4.92
C GLU A 23 2.91 4.41 -4.45
N LYS A 24 2.15 5.47 -4.13
CA LYS A 24 2.67 6.75 -3.61
C LYS A 24 3.05 6.78 -2.08
N SER A 25 2.40 5.92 -1.29
CA SER A 25 2.80 5.54 0.11
C SER A 25 4.28 5.04 0.26
N PHE A 26 4.66 4.19 -0.69
CA PHE A 26 6.00 3.60 -0.87
C PHE A 26 7.10 4.67 -1.14
N LEU A 27 6.82 5.59 -2.08
CA LEU A 27 7.67 6.76 -2.42
C LEU A 27 8.00 7.75 -1.24
N GLU A 28 7.13 7.81 -0.21
CA GLU A 28 7.36 8.56 1.05
C GLU A 28 8.21 7.66 2.01
N ASN A 29 7.69 6.45 2.35
CA ASN A 29 8.41 5.43 3.13
C ASN A 29 7.93 4.02 2.68
N GLN A 30 8.92 3.19 2.34
CA GLN A 30 8.71 1.78 1.88
C GLN A 30 8.35 0.83 3.07
N LYS A 31 9.19 0.84 4.11
CA LYS A 31 8.95 0.11 5.38
C LYS A 31 8.55 1.19 6.43
N PRO A 32 7.26 1.68 6.51
CA PRO A 32 6.81 2.53 7.64
C PRO A 32 6.92 1.80 9.02
N THR A 33 6.53 0.50 9.03
CA THR A 33 6.67 -0.49 10.10
C THR A 33 5.48 -1.48 10.14
N SER A 34 5.69 -2.75 10.53
CA SER A 34 4.60 -3.78 10.62
C SER A 34 3.26 -3.37 11.33
N GLU A 35 3.41 -2.56 12.38
CA GLU A 35 2.27 -1.90 13.10
C GLU A 35 1.81 -0.60 12.36
N GLU A 36 2.78 0.24 11.94
CA GLU A 36 2.56 1.42 11.07
C GLU A 36 1.79 1.19 9.71
N ILE A 37 1.88 -0.04 9.15
CA ILE A 37 1.09 -0.56 7.98
C ILE A 37 -0.47 -0.52 8.23
N THR A 38 -0.90 -0.69 9.50
CA THR A 38 -2.32 -0.54 9.97
C THR A 38 -2.93 0.88 9.72
N MET A 39 -2.15 1.94 10.03
CA MET A 39 -2.52 3.36 9.75
C MET A 39 -2.78 3.68 8.24
N ILE A 40 -2.02 3.04 7.33
CA ILE A 40 -2.22 3.08 5.86
C ILE A 40 -3.64 2.54 5.44
N ALA A 41 -4.03 1.36 5.94
CA ALA A 41 -5.40 0.78 5.73
C ALA A 41 -6.58 1.71 6.13
N ASP A 42 -6.47 2.37 7.30
CA ASP A 42 -7.42 3.39 7.79
C ASP A 42 -7.50 4.66 6.86
N GLN A 43 -6.35 5.16 6.38
CA GLN A 43 -6.26 6.30 5.43
C GLN A 43 -7.10 6.09 4.13
N LEU A 44 -6.92 4.96 3.39
CA LEU A 44 -7.80 4.60 2.24
C LEU A 44 -8.99 3.73 2.78
N ASN A 45 -9.28 2.58 2.16
CA ASN A 45 -10.34 1.63 2.65
C ASN A 45 -9.94 0.15 2.30
N MET A 46 -8.83 -0.32 2.87
CA MET A 46 -8.22 -1.64 2.51
C MET A 46 -8.54 -2.76 3.55
N GLU A 47 -8.38 -4.03 3.12
CA GLU A 47 -8.04 -5.12 4.08
C GLU A 47 -6.50 -5.01 4.31
N LYS A 48 -6.00 -5.27 5.53
CA LYS A 48 -4.55 -5.09 5.85
C LYS A 48 -3.51 -6.16 5.45
N GLU A 49 -3.93 -7.43 5.47
CA GLU A 49 -3.08 -8.56 4.94
C GLU A 49 -2.49 -8.28 3.51
N VAL A 50 -3.36 -7.65 2.70
CA VAL A 50 -3.07 -6.99 1.41
C VAL A 50 -1.91 -5.94 1.46
N ILE A 51 -1.92 -4.89 2.32
CA ILE A 51 -0.85 -3.81 2.32
C ILE A 51 0.60 -4.37 2.44
N ARG A 52 0.93 -5.19 3.46
CA ARG A 52 2.29 -5.78 3.60
C ARG A 52 2.72 -6.65 2.38
N VAL A 53 1.76 -7.44 1.83
CA VAL A 53 1.89 -8.21 0.56
C VAL A 53 2.08 -7.27 -0.70
N TRP A 54 1.27 -6.21 -0.87
CA TRP A 54 1.41 -5.19 -1.96
C TRP A 54 2.77 -4.44 -1.89
N PHE A 55 3.19 -3.99 -0.69
CA PHE A 55 4.53 -3.39 -0.44
C PHE A 55 5.71 -4.38 -0.75
N CYS A 56 5.57 -5.70 -0.45
CA CYS A 56 6.52 -6.77 -0.86
C CYS A 56 6.61 -7.06 -2.40
N ASN A 57 5.46 -6.95 -3.09
CA ASN A 57 5.34 -7.19 -4.55
C ASN A 57 5.79 -5.94 -5.37
N ARG A 58 5.35 -4.70 -5.04
CA ARG A 58 5.95 -3.46 -5.60
C ARG A 58 7.43 -3.18 -5.21
N ARG A 59 8.05 -3.94 -4.28
CA ARG A 59 9.47 -3.79 -3.83
C ARG A 59 10.61 -3.78 -4.93
N GLN A 60 10.29 -4.10 -6.20
CA GLN A 60 11.24 -3.93 -7.34
C GLN A 60 11.30 -2.43 -7.82
N LYS A 61 10.21 -1.61 -7.68
CA LYS A 61 10.23 -0.14 -7.99
C LYS A 61 11.06 0.85 -7.10
N GLU A 62 11.65 0.29 -6.07
CA GLU A 62 12.56 0.97 -5.09
C GLU A 62 13.75 1.74 -5.76
N LYS A 63 14.51 1.04 -6.62
CA LYS A 63 15.62 1.64 -7.40
C LYS A 63 15.49 1.10 -8.86
N ARG A 64 14.48 1.60 -9.57
CA ARG A 64 14.13 1.18 -10.96
C ARG A 64 13.90 2.41 -11.87
N ILE A 65 14.01 2.11 -13.17
CA ILE A 65 13.76 3.07 -14.28
C ILE A 65 12.57 2.46 -15.06
N ASP A 66 12.89 1.59 -16.03
CA ASP A 66 11.91 0.89 -16.89
C ASP A 66 12.52 -0.48 -17.29
N ILE A 67 11.91 -1.58 -16.80
CA ILE A 67 12.35 -2.97 -17.12
C ILE A 67 11.08 -3.85 -17.19
N ARG A 6 -3.88 -6.43 9.24
CA ARG A 6 -5.18 -7.09 9.00
C ARG A 6 -6.28 -6.43 9.89
N ARG A 7 -7.39 -6.02 9.26
CA ARG A 7 -8.56 -5.43 9.97
C ARG A 7 -9.91 -6.05 9.48
N ARG A 8 -10.18 -7.31 9.91
CA ARG A 8 -11.45 -8.04 9.62
C ARG A 8 -11.68 -8.33 8.09
N LYS A 9 -12.52 -7.53 7.39
CA LYS A 9 -12.84 -7.72 5.96
C LYS A 9 -13.08 -6.32 5.33
N LYS A 10 -12.15 -5.88 4.47
CA LYS A 10 -12.22 -4.57 3.76
C LYS A 10 -12.07 -4.80 2.22
N ARG A 11 -11.53 -3.81 1.48
CA ARG A 11 -11.40 -3.88 0.00
C ARG A 11 -10.09 -4.58 -0.43
N THR A 12 -10.27 -5.45 -1.42
CA THR A 12 -9.16 -6.24 -2.05
C THR A 12 -9.03 -6.15 -3.61
N SER A 13 -9.73 -5.20 -4.24
CA SER A 13 -9.66 -4.94 -5.70
C SER A 13 -8.84 -3.65 -5.86
N ILE A 14 -7.63 -3.80 -6.41
CA ILE A 14 -6.63 -2.72 -6.50
C ILE A 14 -6.77 -2.14 -7.95
N GLU A 15 -7.58 -1.07 -8.10
CA GLU A 15 -7.94 -0.51 -9.43
C GLU A 15 -7.12 0.81 -9.62
N THR A 16 -7.75 1.99 -9.75
CA THR A 16 -7.05 3.31 -9.77
C THR A 16 -6.89 3.90 -8.35
N ASN A 17 -7.97 4.44 -7.78
CA ASN A 17 -7.91 5.24 -6.52
C ASN A 17 -7.24 4.62 -5.25
N ILE A 18 -7.34 3.29 -4.99
CA ILE A 18 -6.53 2.65 -3.91
C ILE A 18 -5.05 2.44 -4.37
N ARG A 19 -4.82 1.83 -5.55
CA ARG A 19 -3.48 1.61 -6.17
C ARG A 19 -2.55 2.85 -6.33
N VAL A 20 -3.17 4.01 -6.66
CA VAL A 20 -2.53 5.33 -6.86
C VAL A 20 -2.06 5.97 -5.51
N ALA A 21 -2.99 6.00 -4.54
CA ALA A 21 -2.72 6.36 -3.12
C ALA A 21 -1.73 5.40 -2.39
N LEU A 22 -1.72 4.08 -2.74
CA LEU A 22 -0.71 3.10 -2.27
C LEU A 22 0.67 3.26 -2.98
N GLU A 23 0.68 3.63 -4.28
CA GLU A 23 1.91 4.05 -5.00
C GLU A 23 2.52 5.34 -4.38
N LYS A 24 1.74 6.37 -4.09
CA LYS A 24 2.25 7.62 -3.44
C LYS A 24 2.65 7.53 -1.92
N SER A 25 2.13 6.50 -1.23
CA SER A 25 2.63 5.99 0.09
C SER A 25 4.14 5.64 0.07
N PHE A 26 4.50 4.82 -0.91
CA PHE A 26 5.86 4.37 -1.23
C PHE A 26 6.87 5.52 -1.55
N LEU A 27 6.47 6.40 -2.49
CA LEU A 27 7.22 7.63 -2.90
C LEU A 27 7.49 8.70 -1.78
N GLU A 28 6.68 8.70 -0.69
CA GLU A 28 6.88 9.57 0.50
C GLU A 28 7.94 8.87 1.43
N ASN A 29 7.58 7.68 1.94
CA ASN A 29 8.48 6.77 2.68
C ASN A 29 7.95 5.35 2.38
N GLN A 30 8.88 4.45 2.01
CA GLN A 30 8.53 3.05 1.61
C GLN A 30 7.90 2.30 2.81
N LYS A 31 8.70 1.98 3.84
CA LYS A 31 8.21 1.51 5.17
C LYS A 31 7.00 0.54 5.23
N PRO A 32 7.20 -0.77 4.90
CA PRO A 32 6.29 -1.81 5.44
C PRO A 32 6.34 -2.03 6.99
N THR A 33 6.08 -0.95 7.76
CA THR A 33 5.95 -0.98 9.22
C THR A 33 4.51 -1.45 9.50
N SER A 34 4.31 -2.47 10.35
CA SER A 34 2.93 -2.92 10.74
C SER A 34 1.97 -1.78 11.25
N GLU A 35 2.58 -0.78 11.92
CA GLU A 35 1.90 0.48 12.33
C GLU A 35 1.73 1.48 11.13
N GLU A 36 2.76 1.56 10.26
CA GLU A 36 2.74 2.31 8.98
C GLU A 36 1.60 1.84 8.01
N ILE A 37 1.50 0.54 7.68
CA ILE A 37 0.38 -0.09 6.89
C ILE A 37 -1.04 0.24 7.47
N THR A 38 -1.20 0.18 8.80
CA THR A 38 -2.42 0.62 9.53
C THR A 38 -2.86 2.08 9.25
N MET A 39 -1.99 3.06 9.53
CA MET A 39 -2.26 4.50 9.28
C MET A 39 -2.53 4.89 7.79
N ILE A 40 -1.91 4.18 6.82
CA ILE A 40 -2.18 4.30 5.36
C ILE A 40 -3.62 3.80 5.02
N ALA A 41 -4.01 2.60 5.51
CA ALA A 41 -5.40 2.07 5.30
C ALA A 41 -6.56 2.99 5.78
N ASP A 42 -6.38 3.63 6.95
CA ASP A 42 -7.33 4.63 7.50
C ASP A 42 -7.47 5.90 6.61
N GLN A 43 -6.35 6.43 6.08
CA GLN A 43 -6.34 7.55 5.08
C GLN A 43 -7.20 7.22 3.81
N LEU A 44 -6.98 6.04 3.18
CA LEU A 44 -7.84 5.54 2.06
C LEU A 44 -8.95 4.60 2.69
N ASN A 45 -9.25 3.44 2.09
CA ASN A 45 -10.20 2.44 2.66
C ASN A 45 -9.74 1.03 2.15
N MET A 46 -8.68 0.48 2.77
CA MET A 46 -8.05 -0.80 2.31
C MET A 46 -8.23 -2.02 3.25
N GLU A 47 -8.03 -3.21 2.65
CA GLU A 47 -7.55 -4.39 3.43
C GLU A 47 -6.01 -4.26 3.57
N LYS A 48 -5.56 -4.59 4.76
CA LYS A 48 -4.12 -4.47 5.18
C LYS A 48 -3.12 -5.60 4.89
N GLU A 49 -3.64 -6.83 4.85
CA GLU A 49 -2.89 -7.98 4.24
C GLU A 49 -2.49 -7.67 2.74
N VAL A 50 -3.42 -6.97 2.05
CA VAL A 50 -3.28 -6.34 0.73
C VAL A 50 -2.25 -5.17 0.66
N ILE A 51 -2.11 -4.29 1.67
CA ILE A 51 -1.08 -3.19 1.69
C ILE A 51 0.35 -3.77 1.79
N ARG A 52 0.57 -4.66 2.79
CA ARG A 52 1.86 -5.39 2.96
C ARG A 52 2.26 -6.26 1.72
N VAL A 53 1.26 -6.88 1.05
CA VAL A 53 1.39 -7.61 -0.25
C VAL A 53 1.63 -6.61 -1.43
N TRP A 54 0.76 -5.56 -1.63
CA TRP A 54 1.00 -4.51 -2.66
C TRP A 54 2.40 -3.81 -2.54
N PHE A 55 2.81 -3.44 -1.31
CA PHE A 55 4.16 -2.90 -1.02
C PHE A 55 5.31 -3.90 -1.37
N CYS A 56 5.17 -5.21 -1.07
CA CYS A 56 6.12 -6.28 -1.50
C CYS A 56 6.25 -6.50 -3.04
N ASN A 57 5.12 -6.33 -3.77
CA ASN A 57 5.05 -6.49 -5.24
C ASN A 57 5.57 -5.21 -5.95
N ARG A 58 5.15 -3.98 -5.57
CA ARG A 58 5.77 -2.74 -6.07
C ARG A 58 7.25 -2.48 -5.61
N ARG A 59 7.80 -3.24 -4.64
CA ARG A 59 9.19 -3.10 -4.10
C ARG A 59 10.38 -3.08 -5.13
N GLN A 60 10.17 -3.46 -6.40
CA GLN A 60 11.21 -3.34 -7.47
C GLN A 60 11.33 -1.87 -8.05
N LYS A 61 10.32 -0.98 -7.87
CA LYS A 61 10.40 0.48 -8.21
C LYS A 61 11.24 1.42 -7.30
N GLU A 62 11.71 0.85 -6.20
CA GLU A 62 12.58 1.51 -5.18
C GLU A 62 13.87 2.16 -5.77
N LYS A 63 14.68 1.34 -6.48
CA LYS A 63 15.92 1.78 -7.16
C LYS A 63 15.73 1.85 -8.72
N ARG A 64 14.67 2.56 -9.14
CA ARG A 64 14.30 2.72 -10.58
C ARG A 64 13.88 4.19 -10.87
N ILE A 65 13.89 4.48 -12.17
CA ILE A 65 13.54 5.82 -12.74
C ILE A 65 12.00 5.85 -12.99
N ASP A 66 11.58 5.15 -14.05
CA ASP A 66 10.16 5.03 -14.46
C ASP A 66 9.87 3.55 -14.86
N ILE A 67 8.74 3.01 -14.34
CA ILE A 67 8.29 1.62 -14.63
C ILE A 67 7.54 1.54 -15.99
N ARG A 6 -19.70 -5.24 2.25
CA ARG A 6 -18.40 -4.76 1.73
C ARG A 6 -18.47 -4.69 0.18
N ARG A 7 -18.51 -3.45 -0.35
CA ARG A 7 -18.51 -3.18 -1.81
C ARG A 7 -17.05 -2.77 -2.24
N ARG A 8 -16.84 -1.61 -2.87
CA ARG A 8 -15.49 -1.08 -3.20
C ARG A 8 -14.71 -0.61 -1.93
N LYS A 9 -15.35 0.17 -1.03
CA LYS A 9 -14.76 0.61 0.26
C LYS A 9 -14.64 -0.60 1.23
N LYS A 10 -13.40 -0.90 1.66
CA LYS A 10 -13.06 -2.08 2.50
C LYS A 10 -13.22 -3.39 1.68
N ARG A 11 -12.20 -3.72 0.87
CA ARG A 11 -12.19 -4.96 0.02
C ARG A 11 -10.74 -5.52 -0.08
N THR A 12 -10.59 -6.57 -0.91
CA THR A 12 -9.26 -7.18 -1.21
C THR A 12 -9.05 -7.27 -2.75
N SER A 13 -9.08 -6.11 -3.43
CA SER A 13 -8.85 -6.00 -4.89
C SER A 13 -8.22 -4.61 -5.11
N ILE A 14 -6.99 -4.62 -5.66
CA ILE A 14 -6.18 -3.41 -5.88
C ILE A 14 -6.56 -2.91 -7.31
N GLU A 15 -7.44 -1.91 -7.41
CA GLU A 15 -7.98 -1.46 -8.71
C GLU A 15 -7.26 -0.14 -9.09
N THR A 16 -7.96 1.00 -9.25
CA THR A 16 -7.33 2.33 -9.54
C THR A 16 -6.96 3.13 -8.26
N ASN A 17 -7.95 3.82 -7.67
CA ASN A 17 -7.71 4.77 -6.54
C ASN A 17 -7.15 4.19 -5.21
N ILE A 18 -7.39 2.90 -4.81
CA ILE A 18 -6.62 2.29 -3.69
C ILE A 18 -5.14 2.04 -4.19
N ARG A 19 -4.90 1.34 -5.33
CA ARG A 19 -3.53 1.09 -5.90
C ARG A 19 -2.59 2.31 -6.12
N VAL A 20 -3.17 3.45 -6.55
CA VAL A 20 -2.45 4.74 -6.77
C VAL A 20 -1.94 5.36 -5.44
N ALA A 21 -2.84 5.43 -4.45
CA ALA A 21 -2.52 5.79 -3.05
C ALA A 21 -1.53 4.82 -2.35
N LEU A 22 -1.50 3.51 -2.72
CA LEU A 22 -0.45 2.56 -2.27
C LEU A 22 0.92 2.78 -2.97
N GLU A 23 0.91 3.01 -4.30
CA GLU A 23 2.10 3.35 -5.12
C GLU A 23 2.86 4.60 -4.61
N LYS A 24 2.13 5.69 -4.30
CA LYS A 24 2.72 6.92 -3.69
C LYS A 24 3.04 6.83 -2.16
N SER A 25 2.34 5.96 -1.41
CA SER A 25 2.70 5.53 -0.02
C SER A 25 4.16 4.99 0.14
N PHE A 26 4.58 4.19 -0.85
CA PHE A 26 5.94 3.62 -0.98
C PHE A 26 7.04 4.71 -1.21
N LEU A 27 6.78 5.61 -2.15
CA LEU A 27 7.63 6.79 -2.48
C LEU A 27 7.87 7.82 -1.31
N GLU A 28 6.99 7.83 -0.29
CA GLU A 28 7.17 8.60 0.98
C GLU A 28 8.05 7.73 1.92
N ASN A 29 7.52 6.58 2.38
CA ASN A 29 8.26 5.57 3.18
C ASN A 29 8.00 4.19 2.55
N GLN A 30 9.12 3.53 2.23
CA GLN A 30 9.12 2.18 1.57
C GLN A 30 8.78 1.03 2.56
N LYS A 31 9.50 0.97 3.71
CA LYS A 31 9.19 0.04 4.83
C LYS A 31 8.64 0.94 5.98
N PRO A 32 7.32 1.33 5.99
CA PRO A 32 6.71 2.03 7.16
C PRO A 32 6.80 1.19 8.47
N THR A 33 6.38 -0.09 8.38
CA THR A 33 6.44 -1.13 9.41
C THR A 33 5.15 -1.98 9.48
N SER A 34 5.26 -3.29 9.78
CA SER A 34 4.08 -4.19 9.98
C SER A 34 2.90 -3.65 10.85
N GLU A 35 3.28 -2.90 11.90
CA GLU A 35 2.33 -2.16 12.79
C GLU A 35 1.89 -0.81 12.16
N GLU A 36 2.84 -0.06 11.58
CA GLU A 36 2.61 1.15 10.76
C GLU A 36 1.60 0.94 9.56
N ILE A 37 1.53 -0.27 8.95
CA ILE A 37 0.52 -0.69 7.93
C ILE A 37 -0.95 -0.44 8.41
N THR A 38 -1.26 -0.81 9.67
CA THR A 38 -2.58 -0.56 10.34
C THR A 38 -3.09 0.94 10.32
N MET A 39 -2.21 1.93 10.50
CA MET A 39 -2.55 3.39 10.42
C MET A 39 -2.76 3.90 8.96
N ILE A 40 -1.97 3.41 7.97
CA ILE A 40 -2.23 3.61 6.50
C ILE A 40 -3.70 3.13 6.13
N ALA A 41 -4.20 2.04 6.76
CA ALA A 41 -5.60 1.51 6.58
C ALA A 41 -6.72 2.54 6.85
N ASP A 42 -6.57 3.25 7.98
CA ASP A 42 -7.46 4.34 8.39
C ASP A 42 -7.34 5.63 7.51
N GLN A 43 -6.09 6.00 7.12
CA GLN A 43 -5.79 7.11 6.17
C GLN A 43 -6.55 6.93 4.81
N LEU A 44 -6.42 5.76 4.14
CA LEU A 44 -7.31 5.39 3.00
C LEU A 44 -8.55 4.62 3.58
N ASN A 45 -9.11 3.65 2.85
CA ASN A 45 -10.23 2.80 3.36
C ASN A 45 -10.14 1.44 2.61
N MET A 46 -9.25 0.56 3.09
CA MET A 46 -9.01 -0.79 2.44
C MET A 46 -8.62 -1.89 3.48
N GLU A 47 -8.82 -3.19 3.14
CA GLU A 47 -8.33 -4.32 3.98
C GLU A 47 -6.81 -4.50 3.80
N LYS A 48 -6.10 -4.45 4.93
CA LYS A 48 -4.61 -4.43 4.97
C LYS A 48 -3.75 -5.70 4.86
N GLU A 49 -4.39 -6.86 4.98
CA GLU A 49 -3.74 -8.18 4.64
C GLU A 49 -3.03 -8.21 3.24
N VAL A 50 -3.70 -7.55 2.28
CA VAL A 50 -3.22 -7.27 0.91
C VAL A 50 -1.99 -6.33 0.87
N ILE A 51 -2.06 -5.12 1.48
CA ILE A 51 -1.01 -4.06 1.41
C ILE A 51 0.42 -4.45 1.87
N ARG A 52 0.56 -5.20 2.98
CA ARG A 52 1.89 -5.77 3.37
C ARG A 52 2.48 -6.67 2.22
N VAL A 53 1.62 -7.48 1.56
CA VAL A 53 1.90 -8.21 0.30
C VAL A 53 2.13 -7.23 -0.93
N TRP A 54 1.24 -6.23 -1.23
CA TRP A 54 1.50 -5.20 -2.31
C TRP A 54 2.87 -4.45 -2.13
N PHE A 55 3.17 -3.95 -0.91
CA PHE A 55 4.45 -3.31 -0.53
C PHE A 55 5.70 -4.24 -0.70
N CYS A 56 5.59 -5.56 -0.38
CA CYS A 56 6.64 -6.58 -0.67
C CYS A 56 6.94 -6.86 -2.17
N ASN A 57 5.91 -6.71 -3.04
CA ASN A 57 6.04 -6.86 -4.51
C ASN A 57 6.65 -5.57 -5.15
N ARG A 58 6.20 -4.35 -4.76
CA ARG A 58 6.84 -3.08 -5.13
C ARG A 58 8.37 -2.89 -4.96
N ARG A 59 9.01 -3.59 -3.98
CA ARG A 59 10.44 -3.39 -3.62
C ARG A 59 11.56 -3.53 -4.69
N GLN A 60 11.24 -3.96 -5.92
CA GLN A 60 12.17 -3.85 -7.08
C GLN A 60 12.19 -2.42 -7.76
N LYS A 61 11.75 -1.37 -7.02
CA LYS A 61 11.79 0.06 -7.39
C LYS A 61 11.24 0.82 -6.15
N GLU A 62 12.21 1.03 -5.29
CA GLU A 62 12.07 1.69 -3.97
C GLU A 62 12.04 3.24 -4.06
N LYS A 63 13.18 3.87 -4.42
CA LYS A 63 13.29 5.36 -4.52
C LYS A 63 14.27 5.97 -5.57
N ARG A 64 15.29 5.20 -5.90
CA ARG A 64 16.34 5.57 -6.88
C ARG A 64 15.89 5.12 -8.30
N ILE A 65 16.33 3.94 -8.78
CA ILE A 65 15.96 3.39 -10.12
C ILE A 65 15.21 2.07 -9.81
N ASP A 66 15.97 0.98 -9.67
CA ASP A 66 15.46 -0.37 -9.31
C ASP A 66 16.20 -0.74 -8.00
N ILE A 67 15.50 -0.61 -6.85
CA ILE A 67 16.05 -0.84 -5.48
C ILE A 67 16.80 0.45 -5.07
N ARG A 6 -19.54 6.74 -3.81
CA ARG A 6 -19.45 5.27 -3.87
C ARG A 6 -19.86 4.69 -2.50
N ARG A 7 -20.98 3.95 -2.45
CA ARG A 7 -21.51 3.33 -1.20
C ARG A 7 -20.81 1.96 -0.99
N ARG A 8 -19.78 1.94 -0.13
CA ARG A 8 -18.97 0.73 0.16
C ARG A 8 -18.21 0.92 1.50
N LYS A 9 -18.17 -0.15 2.32
CA LYS A 9 -17.45 -0.16 3.62
C LYS A 9 -15.98 -0.66 3.40
N LYS A 10 -15.71 -1.96 3.58
CA LYS A 10 -14.35 -2.54 3.44
C LYS A 10 -14.04 -2.90 1.97
N ARG A 11 -12.94 -2.31 1.42
CA ARG A 11 -12.45 -2.62 0.06
C ARG A 11 -11.20 -3.51 0.21
N THR A 12 -11.20 -4.56 -0.62
CA THR A 12 -10.04 -5.49 -0.74
C THR A 12 -9.85 -5.83 -2.24
N SER A 13 -9.52 -4.80 -3.05
CA SER A 13 -9.35 -4.95 -4.52
C SER A 13 -8.19 -4.04 -4.96
N ILE A 14 -7.19 -4.67 -5.57
CA ILE A 14 -5.98 -3.99 -6.09
C ILE A 14 -6.36 -3.55 -7.55
N GLU A 15 -6.75 -2.27 -7.72
CA GLU A 15 -7.18 -1.72 -9.03
C GLU A 15 -6.68 -0.25 -9.14
N THR A 16 -7.54 0.78 -9.07
CA THR A 16 -7.12 2.21 -9.15
C THR A 16 -6.75 2.87 -7.80
N ASN A 17 -7.72 3.49 -7.10
CA ASN A 17 -7.46 4.36 -5.91
C ASN A 17 -6.80 3.76 -4.63
N ILE A 18 -7.10 2.52 -4.18
CA ILE A 18 -6.30 1.88 -3.07
C ILE A 18 -4.84 1.60 -3.58
N ARG A 19 -4.69 0.94 -4.74
CA ARG A 19 -3.38 0.61 -5.38
C ARG A 19 -2.36 1.76 -5.59
N VAL A 20 -2.86 2.88 -6.09
CA VAL A 20 -2.12 4.16 -6.33
C VAL A 20 -1.68 4.83 -4.99
N ALA A 21 -2.62 4.91 -4.02
CA ALA A 21 -2.34 5.29 -2.62
C ALA A 21 -1.35 4.31 -1.90
N LEU A 22 -1.30 3.01 -2.28
CA LEU A 22 -0.26 2.04 -1.83
C LEU A 22 1.11 2.29 -2.54
N GLU A 23 1.09 2.53 -3.86
CA GLU A 23 2.27 2.88 -4.69
C GLU A 23 3.01 4.16 -4.20
N LYS A 24 2.28 5.24 -3.91
CA LYS A 24 2.83 6.49 -3.32
C LYS A 24 3.13 6.43 -1.77
N SER A 25 2.48 5.52 -1.02
CA SER A 25 2.83 5.14 0.39
C SER A 25 4.31 4.71 0.59
N PHE A 26 4.81 3.91 -0.36
CA PHE A 26 6.21 3.48 -0.48
C PHE A 26 7.22 4.67 -0.69
N LEU A 27 6.90 5.53 -1.66
CA LEU A 27 7.66 6.78 -1.98
C LEU A 27 7.81 7.82 -0.83
N GLU A 28 6.93 7.78 0.20
CA GLU A 28 7.04 8.57 1.45
C GLU A 28 7.97 7.77 2.42
N ASN A 29 7.53 6.58 2.87
CA ASN A 29 8.36 5.62 3.65
C ASN A 29 8.27 4.23 2.98
N GLN A 30 9.47 3.71 2.68
CA GLN A 30 9.65 2.37 2.04
C GLN A 30 9.52 1.16 3.02
N LYS A 31 9.98 1.32 4.27
CA LYS A 31 9.83 0.36 5.39
C LYS A 31 8.78 0.84 6.42
N PRO A 32 7.43 0.84 6.11
CA PRO A 32 6.41 1.02 7.14
C PRO A 32 6.14 -0.41 7.70
N THR A 33 6.84 -0.74 8.79
CA THR A 33 6.69 -2.02 9.52
C THR A 33 5.30 -2.63 9.66
N SER A 34 5.21 -3.95 9.90
CA SER A 34 3.90 -4.62 10.21
C SER A 34 2.96 -3.88 11.21
N GLU A 35 3.56 -3.12 12.16
CA GLU A 35 2.78 -2.24 13.08
C GLU A 35 2.44 -0.88 12.41
N GLU A 36 3.45 -0.24 11.80
CA GLU A 36 3.34 0.98 10.98
C GLU A 36 2.33 0.96 9.78
N ILE A 37 2.06 -0.20 9.14
CA ILE A 37 1.01 -0.34 8.09
C ILE A 37 -0.44 -0.11 8.67
N THR A 38 -0.71 -0.45 9.95
CA THR A 38 -2.04 -0.22 10.61
C THR A 38 -2.62 1.23 10.45
N MET A 39 -1.74 2.24 10.49
CA MET A 39 -2.03 3.66 10.19
C MET A 39 -2.46 3.92 8.71
N ILE A 40 -1.73 3.33 7.74
CA ILE A 40 -2.05 3.35 6.28
C ILE A 40 -3.47 2.72 5.99
N ALA A 41 -3.75 1.52 6.52
CA ALA A 41 -5.09 0.88 6.43
C ALA A 41 -6.28 1.72 7.02
N ASP A 42 -6.04 2.40 8.16
CA ASP A 42 -7.01 3.36 8.77
C ASP A 42 -7.31 4.62 7.90
N GLN A 43 -6.25 5.18 7.24
CA GLN A 43 -6.35 6.35 6.33
C GLN A 43 -7.43 6.19 5.21
N LEU A 44 -7.39 5.10 4.41
CA LEU A 44 -8.48 4.78 3.44
C LEU A 44 -9.45 3.77 4.14
N ASN A 45 -9.77 2.64 3.52
CA ASN A 45 -10.59 1.56 4.16
C ASN A 45 -10.16 0.22 3.52
N MET A 46 -9.00 -0.29 3.96
CA MET A 46 -8.38 -1.52 3.39
C MET A 46 -8.40 -2.74 4.36
N GLU A 47 -8.23 -3.94 3.77
CA GLU A 47 -7.65 -5.09 4.52
C GLU A 47 -6.12 -4.89 4.52
N LYS A 48 -5.54 -5.20 5.66
CA LYS A 48 -4.06 -5.12 5.87
C LYS A 48 -3.18 -6.32 5.43
N GLU A 49 -3.77 -7.51 5.49
CA GLU A 49 -3.21 -8.76 4.86
C GLU A 49 -2.79 -8.56 3.35
N VAL A 50 -3.54 -7.68 2.68
CA VAL A 50 -3.31 -7.07 1.35
C VAL A 50 -2.07 -6.10 1.31
N ILE A 51 -2.01 -5.11 2.22
CA ILE A 51 -0.98 -4.02 2.19
C ILE A 51 0.49 -4.52 2.31
N ARG A 52 0.87 -5.22 3.41
CA ARG A 52 2.22 -5.83 3.59
C ARG A 52 2.68 -6.72 2.40
N VAL A 53 1.73 -7.51 1.87
CA VAL A 53 1.82 -8.30 0.63
C VAL A 53 2.14 -7.41 -0.63
N TRP A 54 1.36 -6.34 -0.92
CA TRP A 54 1.70 -5.35 -1.99
C TRP A 54 3.11 -4.68 -1.77
N PHE A 55 3.42 -4.23 -0.55
CA PHE A 55 4.75 -3.68 -0.18
C PHE A 55 5.94 -4.69 -0.37
N CYS A 56 5.73 -6.00 -0.11
CA CYS A 56 6.68 -7.10 -0.44
C CYS A 56 6.96 -7.32 -1.98
N ASN A 57 5.96 -6.98 -2.81
CA ASN A 57 6.04 -7.04 -4.30
C ASN A 57 6.72 -5.76 -4.89
N ARG A 58 6.37 -4.54 -4.43
CA ARG A 58 7.04 -3.27 -4.81
C ARG A 58 8.55 -3.13 -4.42
N ARG A 59 8.98 -3.64 -3.25
CA ARG A 59 10.39 -3.54 -2.77
C ARG A 59 11.57 -4.03 -3.68
N GLN A 60 11.36 -4.95 -4.64
CA GLN A 60 12.42 -5.34 -5.63
C GLN A 60 12.51 -4.45 -6.93
N LYS A 61 11.72 -3.35 -7.01
CA LYS A 61 11.81 -2.30 -8.04
C LYS A 61 10.99 -1.14 -7.46
N GLU A 62 11.78 -0.32 -6.79
CA GLU A 62 11.33 0.83 -5.95
C GLU A 62 10.80 2.04 -6.76
N LYS A 63 11.66 2.61 -7.63
CA LYS A 63 11.31 3.79 -8.47
C LYS A 63 11.86 3.61 -9.91
N ARG A 64 13.15 3.86 -9.99
CA ARG A 64 13.94 3.83 -11.25
C ARG A 64 14.42 2.38 -11.53
N ILE A 65 15.42 1.89 -10.77
CA ILE A 65 15.92 0.50 -10.86
C ILE A 65 15.67 -0.08 -9.45
N ASP A 66 16.65 0.11 -8.55
CA ASP A 66 16.57 -0.30 -7.12
C ASP A 66 17.22 0.86 -6.32
N ILE A 67 16.36 1.68 -5.68
CA ILE A 67 16.80 2.86 -4.89
C ILE A 67 16.19 2.70 -3.47
N ARG A 6 -5.53 -1.14 14.74
CA ARG A 6 -6.68 -0.69 13.93
C ARG A 6 -7.22 -1.87 13.07
N ARG A 7 -8.56 -1.97 12.97
CA ARG A 7 -9.23 -3.00 12.13
C ARG A 7 -10.45 -2.34 11.43
N ARG A 8 -10.52 -2.48 10.09
CA ARG A 8 -11.65 -1.97 9.27
C ARG A 8 -11.82 -2.89 8.04
N LYS A 9 -12.94 -3.64 8.00
CA LYS A 9 -13.26 -4.55 6.86
C LYS A 9 -13.94 -3.71 5.73
N LYS A 10 -13.22 -3.58 4.61
CA LYS A 10 -13.67 -2.76 3.45
C LYS A 10 -13.43 -3.53 2.12
N ARG A 11 -12.91 -2.81 1.13
CA ARG A 11 -12.70 -3.32 -0.25
C ARG A 11 -11.29 -3.93 -0.43
N THR A 12 -11.23 -4.95 -1.31
CA THR A 12 -9.95 -5.64 -1.65
C THR A 12 -9.86 -5.92 -3.19
N SER A 13 -9.80 -4.82 -3.97
CA SER A 13 -9.62 -4.87 -5.44
C SER A 13 -8.69 -3.67 -5.74
N ILE A 14 -7.48 -3.98 -6.19
CA ILE A 14 -6.41 -2.98 -6.38
C ILE A 14 -6.52 -2.49 -7.86
N GLU A 15 -7.32 -1.43 -8.11
CA GLU A 15 -7.60 -0.91 -9.47
C GLU A 15 -6.93 0.49 -9.59
N THR A 16 -7.69 1.60 -9.53
CA THR A 16 -7.12 2.98 -9.51
C THR A 16 -6.83 3.53 -8.09
N ASN A 17 -7.88 3.92 -7.36
CA ASN A 17 -7.77 4.64 -6.05
C ASN A 17 -6.88 3.98 -4.95
N ILE A 18 -7.06 2.70 -4.54
CA ILE A 18 -6.07 2.06 -3.62
C ILE A 18 -4.69 1.91 -4.34
N ARG A 19 -4.57 1.34 -5.56
CA ARG A 19 -3.26 1.17 -6.28
C ARG A 19 -2.35 2.43 -6.40
N VAL A 20 -2.95 3.60 -6.65
CA VAL A 20 -2.30 4.93 -6.74
C VAL A 20 -1.94 5.47 -5.34
N ALA A 21 -2.90 5.51 -4.41
CA ALA A 21 -2.62 5.85 -2.98
C ALA A 21 -1.58 4.93 -2.27
N LEU A 22 -1.47 3.65 -2.69
CA LEU A 22 -0.43 2.68 -2.27
C LEU A 22 0.92 2.92 -3.02
N GLU A 23 0.89 3.16 -4.35
CA GLU A 23 2.09 3.54 -5.14
C GLU A 23 2.76 4.86 -4.68
N LYS A 24 1.94 5.88 -4.40
CA LYS A 24 2.38 7.20 -3.91
C LYS A 24 2.71 7.25 -2.37
N SER A 25 2.15 6.30 -1.58
CA SER A 25 2.60 5.94 -0.19
C SER A 25 4.12 5.63 -0.12
N PHE A 26 4.57 4.76 -1.05
CA PHE A 26 5.98 4.38 -1.24
C PHE A 26 6.94 5.59 -1.50
N LEU A 27 6.56 6.42 -2.48
CA LEU A 27 7.25 7.66 -2.92
C LEU A 27 7.29 8.85 -1.91
N GLU A 28 6.31 8.97 -0.99
CA GLU A 28 6.21 10.07 0.00
C GLU A 28 7.10 9.72 1.24
N ASN A 29 6.72 8.66 1.97
CA ASN A 29 7.50 8.06 3.08
C ASN A 29 7.07 6.59 2.99
N GLN A 30 8.06 5.75 2.67
CA GLN A 30 7.84 4.32 2.35
C GLN A 30 7.33 3.53 3.58
N LYS A 31 8.26 3.13 4.46
CA LYS A 31 7.95 2.42 5.73
C LYS A 31 6.88 1.29 5.72
N PRO A 32 7.15 0.11 5.09
CA PRO A 32 6.36 -1.11 5.43
C PRO A 32 6.56 -1.70 6.86
N THR A 33 6.42 -0.87 7.95
CA THR A 33 6.42 -1.37 9.34
C THR A 33 5.11 -2.15 9.57
N SER A 34 5.12 -3.29 10.26
CA SER A 34 3.86 -4.01 10.60
C SER A 34 2.74 -3.15 11.31
N GLU A 35 3.19 -2.17 12.11
CA GLU A 35 2.31 -1.13 12.71
C GLU A 35 1.95 -0.03 11.66
N GLU A 36 2.96 0.41 10.88
CA GLU A 36 2.82 1.35 9.74
C GLU A 36 1.83 0.91 8.60
N ILE A 37 1.65 -0.41 8.32
CA ILE A 37 0.57 -0.96 7.43
C ILE A 37 -0.85 -0.53 7.98
N THR A 38 -1.09 -0.73 9.29
CA THR A 38 -2.34 -0.25 9.99
C THR A 38 -2.67 1.27 9.82
N MET A 39 -1.64 2.14 9.86
CA MET A 39 -1.75 3.59 9.57
C MET A 39 -2.19 3.93 8.10
N ILE A 40 -1.74 3.14 7.08
CA ILE A 40 -2.15 3.31 5.65
C ILE A 40 -3.68 3.13 5.44
N ALA A 41 -4.29 2.06 5.98
CA ALA A 41 -5.77 1.87 5.92
C ALA A 41 -6.63 3.01 6.55
N ASP A 42 -6.15 3.62 7.65
CA ASP A 42 -6.80 4.81 8.27
C ASP A 42 -6.84 6.06 7.34
N GLN A 43 -5.73 6.32 6.61
CA GLN A 43 -5.65 7.39 5.56
C GLN A 43 -6.78 7.26 4.49
N LEU A 44 -7.00 6.06 3.89
CA LEU A 44 -8.16 5.80 2.99
C LEU A 44 -9.18 4.94 3.80
N ASN A 45 -9.59 3.78 3.28
CA ASN A 45 -10.49 2.83 3.99
C ASN A 45 -10.21 1.45 3.36
N MET A 46 -9.19 0.74 3.90
CA MET A 46 -8.72 -0.55 3.31
C MET A 46 -8.72 -1.79 4.27
N GLU A 47 -8.73 -3.02 3.68
CA GLU A 47 -8.27 -4.25 4.41
C GLU A 47 -6.73 -4.36 4.24
N LYS A 48 -6.04 -4.63 5.35
CA LYS A 48 -4.53 -4.72 5.38
C LYS A 48 -3.78 -5.97 4.91
N GLU A 49 -4.52 -7.05 4.73
CA GLU A 49 -4.07 -8.24 3.96
C GLU A 49 -3.44 -7.87 2.56
N VAL A 50 -4.10 -6.89 1.90
CA VAL A 50 -3.65 -6.25 0.64
C VAL A 50 -2.40 -5.35 0.79
N ILE A 51 -2.38 -4.35 1.72
CA ILE A 51 -1.25 -3.38 1.83
C ILE A 51 0.17 -4.02 1.94
N ARG A 52 0.33 -4.92 2.91
CA ARG A 52 1.57 -5.73 3.13
C ARG A 52 2.01 -6.52 1.84
N VAL A 53 1.04 -7.16 1.15
CA VAL A 53 1.23 -7.84 -0.15
C VAL A 53 1.60 -6.84 -1.31
N TRP A 54 0.82 -5.75 -1.55
CA TRP A 54 1.18 -4.69 -2.53
C TRP A 54 2.59 -4.04 -2.26
N PHE A 55 2.85 -3.63 -1.01
CA PHE A 55 4.16 -3.11 -0.56
C PHE A 55 5.36 -4.11 -0.73
N CYS A 56 5.14 -5.44 -0.58
CA CYS A 56 6.13 -6.50 -0.94
C CYS A 56 6.57 -6.53 -2.44
N ASN A 57 5.61 -6.29 -3.35
CA ASN A 57 5.81 -6.30 -4.82
C ASN A 57 6.45 -4.97 -5.32
N ARG A 58 5.96 -3.77 -4.90
CA ARG A 58 6.60 -2.46 -5.19
C ARG A 58 8.08 -2.30 -4.71
N ARG A 59 8.40 -2.85 -3.53
CA ARG A 59 9.78 -2.94 -2.99
C ARG A 59 10.81 -3.62 -3.95
N GLN A 60 10.40 -4.64 -4.72
CA GLN A 60 11.23 -5.30 -5.76
C GLN A 60 11.20 -4.59 -7.16
N LYS A 61 10.21 -3.73 -7.48
CA LYS A 61 10.18 -2.94 -8.74
C LYS A 61 9.45 -1.63 -8.38
N GLU A 62 10.36 -0.74 -8.00
CA GLU A 62 10.07 0.64 -7.52
C GLU A 62 9.53 1.54 -8.66
N LYS A 63 10.35 1.72 -9.72
CA LYS A 63 9.98 2.48 -10.94
C LYS A 63 9.71 1.44 -12.05
N ARG A 64 10.79 1.20 -12.77
CA ARG A 64 10.86 0.28 -13.94
C ARG A 64 12.14 -0.61 -13.88
N ILE A 65 12.23 -1.58 -14.82
CA ILE A 65 13.36 -2.54 -14.91
C ILE A 65 14.49 -1.88 -15.76
N ASP A 66 14.29 -1.87 -17.08
CA ASP A 66 15.22 -1.26 -18.05
C ASP A 66 14.79 0.22 -18.25
N ILE A 67 15.55 1.14 -17.63
CA ILE A 67 15.26 2.60 -17.65
C ILE A 67 16.60 3.38 -17.64
N ARG A 6 -6.24 -2.22 13.10
CA ARG A 6 -6.60 -0.84 12.74
C ARG A 6 -6.68 -0.73 11.19
N ARG A 7 -7.91 -0.76 10.66
CA ARG A 7 -8.18 -0.67 9.20
C ARG A 7 -9.65 -0.23 8.96
N ARG A 8 -9.85 0.83 8.16
CA ARG A 8 -11.20 1.38 7.83
C ARG A 8 -11.65 0.85 6.44
N LYS A 9 -12.81 0.17 6.43
CA LYS A 9 -13.46 -0.39 5.20
C LYS A 9 -12.68 -1.60 4.62
N LYS A 10 -13.35 -2.76 4.50
CA LYS A 10 -12.72 -4.02 4.03
C LYS A 10 -12.74 -4.23 2.48
N ARG A 11 -11.95 -3.41 1.75
CA ARG A 11 -11.77 -3.54 0.28
C ARG A 11 -10.44 -4.29 0.00
N THR A 12 -10.53 -5.17 -0.99
CA THR A 12 -9.37 -5.99 -1.46
C THR A 12 -9.35 -6.13 -3.01
N SER A 13 -9.18 -4.98 -3.68
CA SER A 13 -9.04 -4.89 -5.15
C SER A 13 -8.16 -3.65 -5.36
N ILE A 14 -6.91 -3.90 -5.79
CA ILE A 14 -5.88 -2.85 -5.97
C ILE A 14 -6.02 -2.42 -7.47
N GLU A 15 -6.87 -1.41 -7.73
CA GLU A 15 -7.24 -0.98 -9.10
C GLU A 15 -6.57 0.39 -9.38
N THR A 16 -7.33 1.51 -9.46
CA THR A 16 -6.76 2.87 -9.63
C THR A 16 -6.43 3.59 -8.30
N ASN A 17 -7.44 4.17 -7.65
CA ASN A 17 -7.28 5.05 -6.45
C ASN A 17 -6.60 4.47 -5.16
N ILE A 18 -6.77 3.18 -4.81
CA ILE A 18 -5.94 2.56 -3.72
C ILE A 18 -4.48 2.30 -4.26
N ARG A 19 -4.28 1.64 -5.42
CA ARG A 19 -2.93 1.40 -6.05
C ARG A 19 -2.00 2.64 -6.24
N VAL A 20 -2.60 3.80 -6.57
CA VAL A 20 -1.93 5.12 -6.76
C VAL A 20 -1.41 5.70 -5.41
N ALA A 21 -2.30 5.73 -4.41
CA ALA A 21 -1.99 6.07 -3.01
C ALA A 21 -0.99 5.08 -2.32
N LEU A 22 -0.98 3.77 -2.68
CA LEU A 22 0.07 2.80 -2.24
C LEU A 22 1.43 3.03 -2.98
N GLU A 23 1.42 3.35 -4.30
CA GLU A 23 2.62 3.79 -5.06
C GLU A 23 3.28 5.06 -4.45
N LYS A 24 2.51 6.11 -4.15
CA LYS A 24 3.04 7.35 -3.52
C LYS A 24 3.41 7.27 -2.00
N SER A 25 2.81 6.31 -1.29
CA SER A 25 3.24 5.83 0.06
C SER A 25 4.73 5.41 0.13
N PHE A 26 5.18 4.67 -0.90
CA PHE A 26 6.58 4.23 -1.11
C PHE A 26 7.57 5.42 -1.33
N LEU A 27 7.23 6.30 -2.28
CA LEU A 27 7.97 7.57 -2.59
C LEU A 27 8.20 8.55 -1.39
N GLU A 28 7.35 8.51 -0.35
CA GLU A 28 7.52 9.27 0.91
C GLU A 28 8.48 8.47 1.85
N ASN A 29 8.09 7.22 2.20
CA ASN A 29 8.93 6.27 2.96
C ASN A 29 8.70 4.85 2.39
N GLN A 30 9.83 4.22 2.02
CA GLN A 30 9.84 2.84 1.43
C GLN A 30 9.58 1.73 2.48
N LYS A 31 10.30 1.79 3.63
CA LYS A 31 10.04 0.95 4.83
C LYS A 31 9.38 1.90 5.86
N PRO A 32 8.03 2.18 5.84
CA PRO A 32 7.36 2.92 6.93
C PRO A 32 7.47 2.17 8.30
N THR A 33 7.18 0.85 8.28
CA THR A 33 7.28 -0.12 9.37
C THR A 33 6.08 -1.09 9.39
N SER A 34 6.29 -2.37 9.77
CA SER A 34 5.19 -3.38 9.91
C SER A 34 3.93 -2.95 10.75
N GLU A 35 4.19 -2.11 11.75
CA GLU A 35 3.13 -1.43 12.56
C GLU A 35 2.59 -0.17 11.82
N GLU A 36 3.51 0.67 11.32
CA GLU A 36 3.23 1.83 10.45
C GLU A 36 2.35 1.57 9.17
N ILE A 37 2.39 0.33 8.62
CA ILE A 37 1.50 -0.20 7.54
C ILE A 37 -0.04 -0.15 7.88
N THR A 38 -0.38 -0.28 9.19
CA THR A 38 -1.74 -0.19 9.78
C THR A 38 -2.44 1.20 9.60
N MET A 39 -1.69 2.29 9.86
CA MET A 39 -2.13 3.69 9.63
C MET A 39 -2.56 4.01 8.16
N ILE A 40 -1.85 3.42 7.18
CA ILE A 40 -2.14 3.53 5.73
C ILE A 40 -3.54 2.94 5.40
N ALA A 41 -3.82 1.66 5.75
CA ALA A 41 -5.18 1.04 5.61
C ALA A 41 -6.36 1.80 6.30
N ASP A 42 -6.10 2.42 7.47
CA ASP A 42 -7.07 3.30 8.18
C ASP A 42 -7.33 4.66 7.46
N GLN A 43 -6.27 5.32 6.97
CA GLN A 43 -6.33 6.60 6.23
C GLN A 43 -7.20 6.58 4.94
N LEU A 44 -7.03 5.60 4.02
CA LEU A 44 -7.83 5.52 2.77
C LEU A 44 -9.13 4.70 2.97
N ASN A 45 -9.32 3.62 2.20
CA ASN A 45 -10.52 2.73 2.26
C ASN A 45 -9.99 1.34 1.83
N MET A 46 -9.27 0.62 2.73
CA MET A 46 -8.57 -0.63 2.32
C MET A 46 -8.41 -1.66 3.47
N GLU A 47 -8.21 -2.93 3.06
CA GLU A 47 -7.73 -4.00 3.99
C GLU A 47 -6.20 -3.80 4.23
N LYS A 48 -5.65 -4.42 5.29
CA LYS A 48 -4.18 -4.41 5.53
C LYS A 48 -3.32 -5.52 4.88
N GLU A 49 -3.85 -6.75 4.82
CA GLU A 49 -3.14 -7.92 4.17
C GLU A 49 -2.57 -7.59 2.75
N VAL A 50 -3.41 -6.91 1.96
CA VAL A 50 -3.08 -6.23 0.66
C VAL A 50 -1.88 -5.24 0.68
N ILE A 51 -1.79 -4.37 1.70
CA ILE A 51 -0.68 -3.36 1.84
C ILE A 51 0.73 -4.02 1.96
N ARG A 52 0.89 -4.93 2.93
CA ARG A 52 2.15 -5.71 3.13
C ARG A 52 2.55 -6.54 1.85
N VAL A 53 1.56 -7.16 1.18
CA VAL A 53 1.72 -7.84 -0.14
C VAL A 53 2.13 -6.85 -1.28
N TRP A 54 1.39 -5.73 -1.49
CA TRP A 54 1.76 -4.66 -2.48
C TRP A 54 3.17 -4.04 -2.21
N PHE A 55 3.47 -3.66 -0.96
CA PHE A 55 4.80 -3.17 -0.54
C PHE A 55 5.97 -4.21 -0.74
N CYS A 56 5.71 -5.54 -0.60
CA CYS A 56 6.65 -6.63 -0.99
C CYS A 56 6.98 -6.70 -2.52
N ASN A 57 5.98 -6.43 -3.37
CA ASN A 57 6.09 -6.45 -4.85
C ASN A 57 6.71 -5.11 -5.37
N ARG A 58 6.22 -3.93 -4.95
CA ARG A 58 6.86 -2.62 -5.20
C ARG A 58 8.38 -2.48 -4.89
N ARG A 59 8.83 -2.95 -3.71
CA ARG A 59 10.28 -2.98 -3.33
C ARG A 59 11.23 -3.70 -4.36
N GLN A 60 10.69 -4.64 -5.17
CA GLN A 60 11.41 -5.29 -6.30
C GLN A 60 11.34 -4.45 -7.63
N LYS A 61 10.29 -3.63 -7.92
CA LYS A 61 10.26 -2.75 -9.12
C LYS A 61 9.57 -1.43 -8.66
N GLU A 62 10.49 -0.61 -8.21
CA GLU A 62 10.28 0.73 -7.60
C GLU A 62 9.60 1.76 -8.55
N LYS A 63 10.20 1.99 -9.72
CA LYS A 63 9.63 2.91 -10.77
C LYS A 63 8.78 2.23 -11.89
N ARG A 64 8.10 1.11 -11.56
CA ARG A 64 7.25 0.33 -12.51
C ARG A 64 6.03 -0.27 -11.74
N ILE A 65 4.91 -0.50 -12.46
CA ILE A 65 3.66 -1.06 -11.86
C ILE A 65 3.43 -2.47 -12.48
N ASP A 66 2.72 -2.50 -13.60
CA ASP A 66 2.36 -3.73 -14.35
C ASP A 66 3.16 -3.75 -15.67
N ILE A 67 4.08 -4.72 -15.79
CA ILE A 67 4.96 -4.87 -16.99
C ILE A 67 5.06 -6.38 -17.32
N ARG A 6 -11.67 8.58 1.19
CA ARG A 6 -12.17 7.19 1.19
C ARG A 6 -12.17 6.63 2.63
N ARG A 7 -13.38 6.39 3.20
CA ARG A 7 -13.55 5.78 4.55
C ARG A 7 -14.94 5.07 4.63
N ARG A 8 -15.03 4.02 5.47
CA ARG A 8 -16.27 3.22 5.74
C ARG A 8 -16.62 2.23 4.61
N LYS A 9 -16.76 0.93 4.98
CA LYS A 9 -17.10 -0.19 4.05
C LYS A 9 -15.93 -0.47 3.06
N LYS A 10 -14.94 -1.25 3.52
CA LYS A 10 -13.69 -1.51 2.76
C LYS A 10 -13.84 -2.40 1.50
N ARG A 11 -13.24 -1.92 0.39
CA ARG A 11 -13.15 -2.70 -0.88
C ARG A 11 -11.83 -3.52 -0.85
N THR A 12 -11.93 -4.70 -1.46
CA THR A 12 -10.78 -5.65 -1.56
C THR A 12 -10.52 -6.07 -3.04
N SER A 13 -10.28 -5.07 -3.90
CA SER A 13 -9.96 -5.24 -5.33
C SER A 13 -9.08 -4.02 -5.67
N ILE A 14 -7.84 -4.30 -6.06
CA ILE A 14 -6.82 -3.27 -6.33
C ILE A 14 -6.95 -2.97 -7.86
N GLU A 15 -7.81 -1.98 -8.22
CA GLU A 15 -8.14 -1.65 -9.63
C GLU A 15 -7.34 -0.37 -10.01
N THR A 16 -8.00 0.77 -10.25
CA THR A 16 -7.34 2.07 -10.51
C THR A 16 -7.07 2.87 -9.21
N ASN A 17 -8.15 3.43 -8.63
CA ASN A 17 -8.08 4.38 -7.49
C ASN A 17 -7.44 3.91 -6.14
N ILE A 18 -7.55 2.64 -5.68
CA ILE A 18 -6.67 2.17 -4.56
C ILE A 18 -5.23 1.95 -5.14
N ARG A 19 -5.01 1.17 -6.20
CA ARG A 19 -3.66 0.87 -6.75
C ARG A 19 -2.71 2.09 -7.04
N VAL A 20 -3.31 3.23 -7.40
CA VAL A 20 -2.65 4.55 -7.62
C VAL A 20 -2.15 5.18 -6.27
N ALA A 21 -3.08 5.26 -5.30
CA ALA A 21 -2.80 5.68 -3.90
C ALA A 21 -1.84 4.73 -3.13
N LEU A 22 -1.89 3.38 -3.36
CA LEU A 22 -0.91 2.41 -2.80
C LEU A 22 0.48 2.53 -3.48
N GLU A 23 0.55 2.72 -4.81
CA GLU A 23 1.78 3.06 -5.58
C GLU A 23 2.50 4.32 -5.02
N LYS A 24 1.79 5.43 -4.86
CA LYS A 24 2.35 6.68 -4.27
C LYS A 24 2.67 6.67 -2.74
N SER A 25 1.99 5.81 -1.97
CA SER A 25 2.33 5.42 -0.56
C SER A 25 3.78 4.89 -0.38
N PHE A 26 4.20 4.03 -1.32
CA PHE A 26 5.56 3.48 -1.42
C PHE A 26 6.69 4.53 -1.65
N LEU A 27 6.40 5.49 -2.53
CA LEU A 27 7.27 6.66 -2.86
C LEU A 27 7.55 7.66 -1.69
N GLU A 28 6.70 7.67 -0.63
CA GLU A 28 6.92 8.44 0.61
C GLU A 28 7.82 7.57 1.54
N ASN A 29 7.30 6.42 2.02
CA ASN A 29 8.10 5.39 2.73
C ASN A 29 7.84 4.03 2.00
N GLN A 30 8.95 3.35 1.72
CA GLN A 30 8.96 2.03 1.01
C GLN A 30 8.55 0.85 1.96
N LYS A 31 9.23 0.75 3.12
CA LYS A 31 8.87 -0.15 4.24
C LYS A 31 8.37 0.76 5.38
N PRO A 32 7.09 1.29 5.37
CA PRO A 32 6.53 2.06 6.51
C PRO A 32 6.47 1.26 7.84
N THR A 33 6.04 -0.02 7.75
CA THR A 33 6.05 -1.05 8.80
C THR A 33 4.75 -1.90 8.85
N SER A 34 4.85 -3.18 9.26
CA SER A 34 3.67 -4.10 9.42
C SER A 34 2.42 -3.53 10.18
N GLU A 35 2.71 -2.70 11.19
CA GLU A 35 1.66 -1.93 11.95
C GLU A 35 1.25 -0.64 11.18
N GLU A 36 2.24 0.07 10.64
CA GLU A 36 2.07 1.22 9.70
C GLU A 36 1.23 0.93 8.40
N ILE A 37 1.10 -0.35 7.96
CA ILE A 37 0.13 -0.83 6.91
C ILE A 37 -1.34 -0.47 7.33
N THR A 38 -1.70 -0.81 8.59
CA THR A 38 -3.01 -0.46 9.23
C THR A 38 -3.37 1.06 9.22
N MET A 39 -2.39 1.94 9.51
CA MET A 39 -2.52 3.42 9.44
C MET A 39 -2.81 3.99 8.01
N ILE A 40 -2.14 3.46 6.97
CA ILE A 40 -2.40 3.80 5.53
C ILE A 40 -3.83 3.34 5.11
N ALA A 41 -4.16 2.06 5.34
CA ALA A 41 -5.53 1.51 5.10
C ALA A 41 -6.73 2.22 5.78
N ASP A 42 -6.51 2.86 6.95
CA ASP A 42 -7.53 3.67 7.65
C ASP A 42 -7.81 5.01 6.89
N GLN A 43 -6.75 5.76 6.50
CA GLN A 43 -6.88 6.93 5.58
C GLN A 43 -7.50 6.55 4.16
N LEU A 44 -7.16 5.35 3.68
CA LEU A 44 -7.73 4.68 2.47
C LEU A 44 -9.02 3.91 2.94
N ASN A 45 -9.46 2.92 2.16
CA ASN A 45 -10.64 2.06 2.47
C ASN A 45 -10.36 0.67 1.85
N MET A 46 -9.41 -0.08 2.48
CA MET A 46 -8.83 -1.32 1.89
C MET A 46 -8.68 -2.48 2.94
N GLU A 47 -8.58 -3.78 2.52
CA GLU A 47 -8.08 -4.85 3.45
C GLU A 47 -6.53 -4.78 3.56
N LYS A 48 -6.03 -5.12 4.74
CA LYS A 48 -4.57 -5.02 5.06
C LYS A 48 -3.59 -6.14 4.66
N GLU A 49 -4.11 -7.36 4.58
CA GLU A 49 -3.39 -8.51 3.94
C GLU A 49 -2.96 -8.16 2.46
N VAL A 50 -3.90 -7.54 1.73
CA VAL A 50 -3.71 -6.89 0.40
C VAL A 50 -2.57 -5.83 0.36
N ILE A 51 -2.58 -4.84 1.27
CA ILE A 51 -1.52 -3.77 1.37
C ILE A 51 -0.06 -4.34 1.50
N ARG A 52 0.15 -5.25 2.47
CA ARG A 52 1.47 -5.86 2.75
C ARG A 52 2.00 -6.70 1.54
N VAL A 53 1.13 -7.54 0.93
CA VAL A 53 1.41 -8.29 -0.33
C VAL A 53 1.67 -7.33 -1.54
N TRP A 54 0.80 -6.32 -1.78
CA TRP A 54 1.01 -5.27 -2.82
C TRP A 54 2.35 -4.47 -2.62
N PHE A 55 2.66 -4.03 -1.37
CA PHE A 55 3.93 -3.38 -1.02
C PHE A 55 5.19 -4.28 -1.27
N CYS A 56 5.11 -5.60 -0.98
CA CYS A 56 6.15 -6.62 -1.37
C CYS A 56 6.42 -6.76 -2.90
N ASN A 57 5.36 -6.63 -3.72
CA ASN A 57 5.44 -6.68 -5.21
C ASN A 57 5.90 -5.31 -5.82
N ARG A 58 5.49 -4.15 -5.26
CA ARG A 58 6.07 -2.82 -5.62
C ARG A 58 7.60 -2.58 -5.36
N ARG A 59 8.26 -3.55 -4.71
CA ARG A 59 9.71 -3.52 -4.38
C ARG A 59 10.75 -3.39 -5.53
N GLN A 60 10.34 -3.44 -6.81
CA GLN A 60 11.23 -3.13 -7.98
C GLN A 60 11.39 -1.59 -8.19
N LYS A 61 10.35 -0.77 -7.90
CA LYS A 61 10.45 0.72 -7.86
C LYS A 61 11.25 1.43 -6.71
N GLU A 62 11.76 0.62 -5.79
CA GLU A 62 12.63 1.03 -4.65
C GLU A 62 13.88 1.84 -5.14
N LYS A 63 14.73 1.16 -5.95
CA LYS A 63 15.94 1.75 -6.58
C LYS A 63 16.20 0.95 -7.89
N ARG A 64 16.88 -0.14 -7.65
CA ARG A 64 17.33 -1.14 -8.66
C ARG A 64 16.26 -2.27 -8.77
N ILE A 65 16.60 -3.52 -8.39
CA ILE A 65 15.66 -4.68 -8.37
C ILE A 65 14.98 -4.84 -6.97
N ASP A 66 15.76 -4.74 -5.90
CA ASP A 66 15.28 -4.79 -4.49
C ASP A 66 16.25 -3.93 -3.63
N ILE A 67 15.68 -2.97 -2.90
CA ILE A 67 16.40 -2.05 -1.96
C ILE A 67 17.02 -0.88 -2.77
N ARG A 6 -14.01 7.43 1.12
CA ARG A 6 -14.94 8.01 0.12
C ARG A 6 -14.90 7.10 -1.13
N ARG A 7 -16.04 6.42 -1.41
CA ARG A 7 -16.21 5.48 -2.56
C ARG A 7 -15.60 4.06 -2.31
N ARG A 8 -14.27 3.97 -2.10
CA ARG A 8 -13.55 2.69 -1.87
C ARG A 8 -13.88 2.09 -0.48
N LYS A 9 -14.47 0.88 -0.49
CA LYS A 9 -14.84 0.12 0.75
C LYS A 9 -13.63 -0.73 1.25
N LYS A 10 -13.62 -1.09 2.55
CA LYS A 10 -12.56 -1.98 3.12
C LYS A 10 -12.78 -3.45 2.66
N ARG A 11 -11.91 -3.84 1.73
CA ARG A 11 -11.95 -5.15 1.03
C ARG A 11 -10.51 -5.53 0.60
N THR A 12 -10.38 -6.83 0.28
CA THR A 12 -9.14 -7.42 -0.29
C THR A 12 -9.28 -7.57 -1.84
N SER A 13 -9.47 -6.42 -2.50
CA SER A 13 -9.62 -6.31 -3.97
C SER A 13 -9.02 -4.94 -4.38
N ILE A 14 -8.13 -4.97 -5.38
CA ILE A 14 -7.41 -3.76 -5.87
C ILE A 14 -8.28 -3.01 -6.91
N GLU A 15 -8.41 -1.68 -6.70
CA GLU A 15 -9.09 -0.76 -7.64
C GLU A 15 -7.96 0.23 -8.09
N THR A 16 -8.33 1.50 -8.28
CA THR A 16 -7.38 2.60 -8.59
C THR A 16 -6.83 3.28 -7.32
N ASN A 17 -7.68 4.03 -6.60
CA ASN A 17 -7.29 4.84 -5.43
C ASN A 17 -6.69 4.08 -4.20
N ILE A 18 -7.03 2.80 -3.91
CA ILE A 18 -6.28 2.03 -2.87
C ILE A 18 -4.84 1.64 -3.42
N ARG A 19 -4.73 1.03 -4.63
CA ARG A 19 -3.41 0.72 -5.28
C ARG A 19 -2.39 1.89 -5.41
N VAL A 20 -2.90 3.09 -5.71
CA VAL A 20 -2.13 4.36 -5.87
C VAL A 20 -1.58 4.90 -4.53
N ALA A 21 -2.46 4.99 -3.52
CA ALA A 21 -2.10 5.32 -2.12
C ALA A 21 -1.18 4.24 -1.46
N LEU A 22 -1.35 2.93 -1.77
CA LEU A 22 -0.36 1.88 -1.38
C LEU A 22 0.96 2.02 -2.16
N GLU A 23 0.98 2.51 -3.40
CA GLU A 23 2.22 2.82 -4.15
C GLU A 23 2.96 4.01 -3.46
N LYS A 24 2.37 5.21 -3.43
CA LYS A 24 3.02 6.41 -2.85
C LYS A 24 3.38 6.45 -1.33
N SER A 25 2.76 5.59 -0.53
CA SER A 25 3.15 5.26 0.87
C SER A 25 4.63 4.80 1.08
N PHE A 26 5.07 3.91 0.19
CA PHE A 26 6.47 3.43 0.10
C PHE A 26 7.48 4.57 -0.29
N LEU A 27 7.12 5.39 -1.29
CA LEU A 27 7.89 6.57 -1.76
C LEU A 27 8.15 7.72 -0.71
N GLU A 28 7.33 7.81 0.36
CA GLU A 28 7.54 8.76 1.49
C GLU A 28 8.58 8.11 2.46
N ASN A 29 8.23 6.94 3.03
CA ASN A 29 9.15 6.06 3.80
C ASN A 29 8.94 4.63 3.27
N GLN A 30 10.07 3.96 3.00
CA GLN A 30 10.07 2.57 2.46
C GLN A 30 9.76 1.44 3.50
N LYS A 31 10.20 1.62 4.76
CA LYS A 31 9.86 0.73 5.91
C LYS A 31 8.82 1.37 6.86
N PRO A 32 7.51 1.53 6.50
CA PRO A 32 6.44 1.83 7.48
C PRO A 32 5.82 0.43 7.79
N THR A 33 6.47 -0.46 8.58
CA THR A 33 6.04 -1.89 8.64
C THR A 33 4.94 -2.29 9.63
N SER A 34 4.96 -3.51 10.16
CA SER A 34 3.80 -4.11 10.86
C SER A 34 2.89 -3.29 11.81
N GLU A 35 3.48 -2.40 12.62
CA GLU A 35 2.67 -1.47 13.49
C GLU A 35 2.06 -0.29 12.68
N GLU A 36 2.87 0.30 11.79
CA GLU A 36 2.46 1.30 10.80
C GLU A 36 1.41 0.83 9.73
N ILE A 37 1.33 -0.47 9.33
CA ILE A 37 0.26 -0.95 8.40
C ILE A 37 -1.17 -0.66 8.99
N THR A 38 -1.38 -0.93 10.29
CA THR A 38 -2.62 -0.57 11.03
C THR A 38 -3.02 0.94 10.88
N MET A 39 -2.06 1.86 11.06
CA MET A 39 -2.26 3.31 10.80
C MET A 39 -2.55 3.70 9.30
N ILE A 40 -1.95 2.99 8.32
CA ILE A 40 -2.23 3.16 6.84
C ILE A 40 -3.68 2.68 6.52
N ALA A 41 -4.06 1.45 6.93
CA ALA A 41 -5.44 0.91 6.76
C ALA A 41 -6.58 1.79 7.36
N ASP A 42 -6.33 2.41 8.54
CA ASP A 42 -7.25 3.39 9.17
C ASP A 42 -7.37 4.72 8.36
N GLN A 43 -6.22 5.29 7.91
CA GLN A 43 -6.16 6.50 7.03
C GLN A 43 -7.02 6.35 5.73
N LEU A 44 -6.81 5.28 4.94
CA LEU A 44 -7.67 4.96 3.77
C LEU A 44 -8.86 4.06 4.28
N ASN A 45 -9.22 2.99 3.55
CA ASN A 45 -10.27 2.04 3.97
C ASN A 45 -9.88 0.69 3.30
N MET A 46 -9.02 -0.08 4.01
CA MET A 46 -8.42 -1.35 3.47
C MET A 46 -8.73 -2.62 4.32
N GLU A 47 -8.75 -3.81 3.66
CA GLU A 47 -8.47 -5.10 4.37
C GLU A 47 -6.94 -5.22 4.45
N LYS A 48 -6.49 -5.48 5.66
CA LYS A 48 -5.03 -5.48 5.97
C LYS A 48 -4.08 -6.58 5.46
N GLU A 49 -4.66 -7.74 5.21
CA GLU A 49 -3.91 -8.88 4.58
C GLU A 49 -3.08 -8.52 3.29
N VAL A 50 -3.70 -7.66 2.47
CA VAL A 50 -3.12 -7.07 1.23
C VAL A 50 -1.85 -6.22 1.47
N ILE A 51 -1.94 -5.18 2.31
CA ILE A 51 -0.89 -4.12 2.46
C ILE A 51 0.52 -4.61 2.85
N ARG A 52 0.66 -5.44 3.89
CA ARG A 52 1.97 -6.05 4.27
C ARG A 52 2.59 -6.93 3.11
N VAL A 53 1.74 -7.69 2.40
CA VAL A 53 2.06 -8.50 1.19
C VAL A 53 2.38 -7.61 -0.06
N TRP A 54 1.52 -6.62 -0.43
CA TRP A 54 1.79 -5.60 -1.48
C TRP A 54 3.12 -4.82 -1.23
N PHE A 55 3.38 -4.39 0.02
CA PHE A 55 4.65 -3.75 0.44
C PHE A 55 5.91 -4.65 0.25
N CYS A 56 5.83 -5.97 0.57
CA CYS A 56 6.88 -6.98 0.24
C CYS A 56 7.21 -7.12 -1.29
N ASN A 57 6.19 -6.93 -2.15
CA ASN A 57 6.31 -6.99 -3.63
C ASN A 57 6.87 -5.65 -4.22
N ARG A 58 6.42 -4.46 -3.75
CA ARG A 58 7.00 -3.14 -4.11
C ARG A 58 8.54 -2.93 -3.87
N ARG A 59 9.10 -3.64 -2.89
CA ARG A 59 10.57 -3.68 -2.59
C ARG A 59 11.52 -4.04 -3.77
N GLN A 60 11.06 -4.80 -4.78
CA GLN A 60 11.86 -5.17 -5.99
C GLN A 60 11.89 -4.08 -7.10
N LYS A 61 10.87 -3.18 -7.18
CA LYS A 61 10.88 -2.01 -8.08
C LYS A 61 10.21 -0.89 -7.28
N GLU A 62 11.13 -0.24 -6.58
CA GLU A 62 10.89 0.90 -5.66
C GLU A 62 10.41 2.14 -6.47
N LYS A 63 11.28 2.69 -7.34
CA LYS A 63 10.92 3.78 -8.30
C LYS A 63 11.78 3.64 -9.58
N ARG A 64 11.66 2.48 -10.29
CA ARG A 64 12.43 2.19 -11.53
C ARG A 64 11.69 1.16 -12.42
N ILE A 65 11.94 1.28 -13.74
CA ILE A 65 11.38 0.35 -14.78
C ILE A 65 12.63 -0.25 -15.49
N ASP A 66 13.13 0.47 -16.49
CA ASP A 66 14.33 0.09 -17.28
C ASP A 66 15.52 0.97 -16.79
N ILE A 67 16.52 0.33 -16.16
CA ILE A 67 17.71 1.02 -15.61
C ILE A 67 18.97 0.14 -15.84
N ARG A 6 -17.40 -3.28 3.64
CA ARG A 6 -16.29 -2.57 2.95
C ARG A 6 -15.78 -1.32 3.71
N ARG A 7 -16.67 -0.42 4.20
CA ARG A 7 -16.28 0.83 4.91
C ARG A 7 -15.44 0.63 6.21
N ARG A 8 -14.49 1.55 6.44
CA ARG A 8 -13.53 1.52 7.58
C ARG A 8 -12.50 0.36 7.43
N LYS A 9 -11.37 0.65 6.76
CA LYS A 9 -10.24 -0.29 6.53
C LYS A 9 -10.56 -1.76 6.09
N LYS A 10 -11.21 -1.94 4.93
CA LYS A 10 -11.54 -3.30 4.40
C LYS A 10 -11.75 -3.24 2.86
N ARG A 11 -10.66 -3.40 2.08
CA ARG A 11 -10.71 -3.45 0.60
C ARG A 11 -9.50 -4.26 0.08
N THR A 12 -9.81 -5.16 -0.87
CA THR A 12 -8.76 -5.93 -1.61
C THR A 12 -9.16 -6.04 -3.11
N SER A 13 -9.11 -4.87 -3.77
CA SER A 13 -9.20 -4.73 -5.23
C SER A 13 -8.41 -3.44 -5.47
N ILE A 14 -7.23 -3.66 -6.02
CA ILE A 14 -6.20 -2.62 -6.24
C ILE A 14 -6.39 -2.16 -7.72
N GLU A 15 -7.25 -1.15 -7.95
CA GLU A 15 -7.62 -0.70 -9.31
C GLU A 15 -6.70 0.50 -9.68
N THR A 16 -7.23 1.74 -9.83
CA THR A 16 -6.40 2.95 -10.08
C THR A 16 -5.92 3.56 -8.73
N ASN A 17 -6.81 4.27 -8.00
CA ASN A 17 -6.49 5.04 -6.77
C ASN A 17 -5.78 4.27 -5.62
N ILE A 18 -6.21 3.10 -5.07
CA ILE A 18 -5.34 2.39 -4.07
C ILE A 18 -4.06 1.71 -4.67
N ARG A 19 -3.86 1.61 -5.99
CA ARG A 19 -2.56 1.22 -6.60
C ARG A 19 -1.56 2.42 -6.68
N VAL A 20 -2.06 3.62 -7.06
CA VAL A 20 -1.29 4.90 -7.08
C VAL A 20 -0.97 5.44 -5.68
N ALA A 21 -1.97 5.49 -4.80
CA ALA A 21 -1.79 5.80 -3.36
C ALA A 21 -0.87 4.77 -2.63
N LEU A 22 -0.90 3.46 -3.00
CA LEU A 22 0.13 2.48 -2.56
C LEU A 22 1.50 2.66 -3.27
N GLU A 23 1.56 3.16 -4.51
CA GLU A 23 2.83 3.52 -5.17
C GLU A 23 3.48 4.80 -4.53
N LYS A 24 2.70 5.85 -4.29
CA LYS A 24 3.18 7.14 -3.73
C LYS A 24 3.50 7.19 -2.20
N SER A 25 2.94 6.25 -1.42
CA SER A 25 3.32 5.91 -0.02
C SER A 25 4.83 5.55 0.21
N PHE A 26 5.31 4.65 -0.65
CA PHE A 26 6.73 4.22 -0.74
C PHE A 26 7.74 5.36 -1.15
N LEU A 27 7.30 6.24 -2.06
CA LEU A 27 8.06 7.44 -2.52
C LEU A 27 8.30 8.56 -1.43
N GLU A 28 7.54 8.54 -0.31
CA GLU A 28 7.75 9.43 0.87
C GLU A 28 8.86 8.76 1.74
N ASN A 29 8.58 7.58 2.30
CA ASN A 29 9.59 6.71 2.98
C ASN A 29 9.44 5.32 2.33
N GLN A 30 10.59 4.72 1.97
CA GLN A 30 10.65 3.36 1.33
C GLN A 30 10.45 2.14 2.29
N LYS A 31 10.81 2.31 3.58
CA LYS A 31 10.51 1.32 4.66
C LYS A 31 9.42 1.90 5.58
N PRO A 32 8.10 2.00 5.18
CA PRO A 32 7.01 2.33 6.12
C PRO A 32 6.48 0.93 6.57
N THR A 33 7.18 0.15 7.43
CA THR A 33 6.82 -1.27 7.62
C THR A 33 5.74 -1.62 8.65
N SER A 34 5.81 -2.78 9.31
CA SER A 34 4.68 -3.36 10.09
C SER A 34 3.79 -2.46 10.99
N GLU A 35 4.38 -1.46 11.66
CA GLU A 35 3.57 -0.47 12.46
C GLU A 35 2.86 0.57 11.54
N GLU A 36 3.60 1.09 10.56
CA GLU A 36 3.09 1.95 9.48
C GLU A 36 2.04 1.32 8.51
N ILE A 37 2.05 -0.01 8.23
CA ILE A 37 1.00 -0.75 7.45
C ILE A 37 -0.43 -0.44 8.04
N THR A 38 -0.56 -0.59 9.38
CA THR A 38 -1.75 -0.17 10.17
C THR A 38 -2.16 1.32 10.02
N MET A 39 -1.24 2.28 10.24
CA MET A 39 -1.50 3.73 10.11
C MET A 39 -1.94 4.20 8.69
N ILE A 40 -1.33 3.66 7.62
CA ILE A 40 -1.73 3.89 6.19
C ILE A 40 -3.17 3.39 5.93
N ALA A 41 -3.49 2.12 6.27
CA ALA A 41 -4.86 1.59 6.10
C ALA A 41 -6.00 2.34 6.85
N ASP A 42 -5.72 2.82 8.07
CA ASP A 42 -6.67 3.64 8.87
C ASP A 42 -6.95 5.04 8.25
N GLN A 43 -5.90 5.74 7.73
CA GLN A 43 -6.09 7.00 6.96
C GLN A 43 -6.59 6.79 5.47
N LEU A 44 -7.34 5.69 5.22
CA LEU A 44 -7.77 5.22 3.87
C LEU A 44 -9.09 4.40 4.10
N ASN A 45 -9.34 3.46 3.17
CA ASN A 45 -10.35 2.39 3.28
C ASN A 45 -9.60 1.21 2.57
N MET A 46 -8.65 0.58 3.29
CA MET A 46 -7.72 -0.43 2.71
C MET A 46 -7.63 -1.69 3.60
N GLU A 47 -7.54 -2.91 3.03
CA GLU A 47 -7.14 -4.13 3.80
C GLU A 47 -5.59 -4.11 4.04
N LYS A 48 -5.07 -4.91 4.96
CA LYS A 48 -3.58 -5.04 5.18
C LYS A 48 -2.73 -6.18 4.62
N GLU A 49 -3.35 -7.34 4.49
CA GLU A 49 -2.74 -8.52 3.79
C GLU A 49 -2.22 -8.11 2.36
N VAL A 50 -3.16 -7.50 1.63
CA VAL A 50 -3.01 -6.70 0.38
C VAL A 50 -1.90 -5.59 0.38
N ILE A 51 -1.85 -4.71 1.40
CA ILE A 51 -0.82 -3.60 1.49
C ILE A 51 0.62 -4.15 1.70
N ARG A 52 0.80 -4.96 2.75
CA ARG A 52 2.10 -5.58 3.11
C ARG A 52 2.68 -6.45 1.94
N VAL A 53 1.80 -7.20 1.23
CA VAL A 53 2.09 -7.92 -0.03
C VAL A 53 2.40 -6.92 -1.19
N TRP A 54 1.59 -5.86 -1.45
CA TRP A 54 1.93 -4.82 -2.48
C TRP A 54 3.33 -4.17 -2.23
N PHE A 55 3.59 -3.72 -0.99
CA PHE A 55 4.88 -3.15 -0.54
C PHE A 55 6.09 -4.14 -0.64
N CYS A 56 5.92 -5.43 -0.28
CA CYS A 56 6.93 -6.51 -0.48
C CYS A 56 7.32 -6.80 -1.96
N ASN A 57 6.33 -6.70 -2.86
CA ASN A 57 6.49 -6.94 -4.32
C ASN A 57 7.16 -5.70 -4.99
N ARG A 58 6.66 -4.46 -4.81
CA ARG A 58 7.35 -3.23 -5.30
C ARG A 58 8.73 -2.89 -4.65
N ARG A 59 9.18 -3.56 -3.56
CA ARG A 59 10.49 -3.31 -2.89
C ARG A 59 11.75 -3.30 -3.82
N GLN A 60 11.86 -4.30 -4.73
CA GLN A 60 12.95 -4.37 -5.74
C GLN A 60 12.65 -3.64 -7.10
N LYS A 61 11.58 -2.83 -7.25
CA LYS A 61 11.29 -2.06 -8.49
C LYS A 61 10.47 -0.82 -8.10
N GLU A 62 11.32 0.14 -7.77
CA GLU A 62 10.97 1.50 -7.26
C GLU A 62 10.27 2.43 -8.27
N LYS A 63 10.82 2.55 -9.49
CA LYS A 63 10.18 3.32 -10.61
C LYS A 63 9.15 2.52 -11.49
N ARG A 64 8.54 1.49 -10.88
CA ARG A 64 7.50 0.61 -11.50
C ARG A 64 6.44 0.26 -10.41
N ILE A 65 5.30 -0.32 -10.84
CA ILE A 65 4.19 -0.74 -9.93
C ILE A 65 4.49 -2.20 -9.49
N ASP A 66 4.10 -3.16 -10.32
CA ASP A 66 4.34 -4.60 -10.08
C ASP A 66 4.59 -5.25 -11.47
N ILE A 67 5.86 -5.65 -11.71
CA ILE A 67 6.27 -6.27 -13.00
C ILE A 67 7.39 -7.32 -12.72
N ARG A 6 -14.32 2.87 -8.62
CA ARG A 6 -15.09 3.49 -7.52
C ARG A 6 -14.57 3.05 -6.13
N ARG A 7 -14.73 3.96 -5.14
CA ARG A 7 -14.24 3.76 -3.74
C ARG A 7 -15.23 2.91 -2.90
N ARG A 8 -14.68 1.94 -2.15
CA ARG A 8 -15.47 1.04 -1.25
C ARG A 8 -14.91 1.12 0.20
N LYS A 9 -15.83 1.07 1.18
CA LYS A 9 -15.50 1.10 2.62
C LYS A 9 -15.07 -0.33 3.09
N LYS A 10 -13.75 -0.51 3.31
CA LYS A 10 -13.12 -1.81 3.71
C LYS A 10 -13.19 -2.85 2.56
N ARG A 11 -12.05 -3.04 1.88
CA ARG A 11 -11.93 -3.96 0.71
C ARG A 11 -10.50 -4.58 0.65
N THR A 12 -10.43 -5.73 -0.04
CA THR A 12 -9.15 -6.44 -0.32
C THR A 12 -8.90 -6.56 -1.86
N SER A 13 -8.77 -5.41 -2.53
CA SER A 13 -8.46 -5.32 -3.98
C SER A 13 -7.58 -4.07 -4.24
N ILE A 14 -6.88 -4.09 -5.39
CA ILE A 14 -5.90 -3.04 -5.76
C ILE A 14 -6.71 -1.88 -6.45
N GLU A 15 -6.56 -1.55 -7.77
CA GLU A 15 -7.30 -0.45 -8.45
C GLU A 15 -6.73 0.94 -8.02
N THR A 16 -6.53 1.81 -9.01
CA THR A 16 -5.91 3.18 -8.86
C THR A 16 -6.41 4.17 -7.75
N ASN A 17 -7.47 3.90 -6.96
CA ASN A 17 -7.72 4.70 -5.73
C ASN A 17 -6.81 4.22 -4.55
N ILE A 18 -6.89 2.94 -4.11
CA ILE A 18 -5.98 2.40 -3.05
C ILE A 18 -4.53 2.09 -3.60
N ARG A 19 -4.33 1.48 -4.80
CA ARG A 19 -2.98 1.24 -5.41
C ARG A 19 -2.03 2.48 -5.52
N VAL A 20 -2.61 3.62 -5.90
CA VAL A 20 -1.93 4.95 -5.95
C VAL A 20 -1.62 5.46 -4.52
N ALA A 21 -2.60 5.39 -3.59
CA ALA A 21 -2.33 5.60 -2.14
C ALA A 21 -1.20 4.68 -1.57
N LEU A 22 -1.03 3.44 -2.11
CA LEU A 22 0.11 2.53 -1.82
C LEU A 22 1.41 2.86 -2.60
N GLU A 23 1.32 3.33 -3.83
CA GLU A 23 2.51 3.87 -4.55
C GLU A 23 2.96 5.29 -4.01
N LYS A 24 2.12 5.95 -3.21
CA LYS A 24 2.40 7.21 -2.47
C LYS A 24 2.76 7.06 -0.95
N SER A 25 2.29 5.98 -0.30
CA SER A 25 2.70 5.52 1.06
C SER A 25 4.23 5.37 1.34
N PHE A 26 4.89 4.84 0.32
CA PHE A 26 6.32 4.51 0.28
C PHE A 26 7.23 5.75 0.08
N LEU A 27 6.83 6.66 -0.83
CA LEU A 27 7.47 7.98 -1.04
C LEU A 27 7.36 9.03 0.11
N GLU A 28 6.43 8.78 1.05
CA GLU A 28 6.27 9.55 2.33
C GLU A 28 7.29 8.95 3.34
N ASN A 29 7.08 7.70 3.79
CA ASN A 29 8.07 6.91 4.57
C ASN A 29 8.15 5.55 3.85
N GLN A 30 9.39 5.11 3.58
CA GLN A 30 9.65 3.86 2.79
C GLN A 30 9.33 2.54 3.53
N LYS A 31 9.82 2.39 4.77
CA LYS A 31 9.58 1.21 5.64
C LYS A 31 8.09 1.01 6.02
N PRO A 32 7.40 -0.05 5.54
CA PRO A 32 6.09 -0.51 6.04
C PRO A 32 5.75 -0.43 7.53
N THR A 33 6.75 -0.71 8.40
CA THR A 33 6.69 -0.88 9.85
C THR A 33 5.54 -1.78 10.31
N SER A 34 5.80 -2.89 11.01
CA SER A 34 4.69 -3.64 11.70
C SER A 34 3.71 -2.72 12.54
N GLU A 35 4.27 -1.61 13.04
CA GLU A 35 3.48 -0.51 13.72
C GLU A 35 2.85 0.47 12.68
N GLU A 36 3.69 0.97 11.76
CA GLU A 36 3.32 1.87 10.64
C GLU A 36 2.17 1.37 9.71
N ILE A 37 2.04 0.06 9.39
CA ILE A 37 0.89 -0.54 8.64
C ILE A 37 -0.47 -0.18 9.33
N THR A 38 -0.61 -0.46 10.64
CA THR A 38 -1.79 -0.01 11.46
C THR A 38 -2.13 1.54 11.38
N MET A 39 -1.13 2.43 11.44
CA MET A 39 -1.33 3.89 11.34
C MET A 39 -1.70 4.38 9.88
N ILE A 40 -1.09 3.82 8.81
CA ILE A 40 -1.54 4.03 7.38
C ILE A 40 -3.02 3.51 7.21
N ALA A 41 -3.38 2.36 7.81
CA ALA A 41 -4.77 1.79 7.79
C ALA A 41 -5.89 2.74 8.28
N ASP A 42 -5.61 3.43 9.39
CA ASP A 42 -6.53 4.43 9.99
C ASP A 42 -6.65 5.74 9.16
N GLN A 43 -5.52 6.29 8.67
CA GLN A 43 -5.51 7.41 7.67
C GLN A 43 -6.32 7.06 6.36
N LEU A 44 -6.21 5.81 5.89
CA LEU A 44 -6.99 5.22 4.77
C LEU A 44 -8.32 4.65 5.40
N ASN A 45 -8.96 3.74 4.67
CA ASN A 45 -10.08 2.90 5.13
C ASN A 45 -9.84 1.58 4.34
N MET A 46 -8.80 0.83 4.73
CA MET A 46 -8.30 -0.34 3.92
C MET A 46 -8.37 -1.65 4.76
N GLU A 47 -8.72 -2.81 4.15
CA GLU A 47 -8.43 -4.13 4.81
C GLU A 47 -6.94 -4.44 4.51
N LYS A 48 -6.18 -4.22 5.57
CA LYS A 48 -4.70 -4.16 5.57
C LYS A 48 -3.78 -5.40 5.55
N GLU A 49 -4.35 -6.59 5.67
CA GLU A 49 -3.62 -7.86 5.38
C GLU A 49 -2.92 -7.84 3.96
N VAL A 50 -3.60 -7.22 2.98
CA VAL A 50 -3.08 -6.88 1.63
C VAL A 50 -1.79 -6.00 1.62
N ILE A 51 -1.76 -4.88 2.35
CA ILE A 51 -0.68 -3.83 2.31
C ILE A 51 0.72 -4.26 2.77
N ARG A 52 0.83 -5.00 3.88
CA ARG A 52 2.12 -5.65 4.27
C ARG A 52 2.68 -6.57 3.10
N VAL A 53 1.77 -7.28 2.41
CA VAL A 53 2.03 -8.03 1.15
C VAL A 53 2.33 -7.05 -0.07
N TRP A 54 1.51 -6.01 -0.40
CA TRP A 54 1.87 -5.00 -1.45
C TRP A 54 3.27 -4.34 -1.22
N PHE A 55 3.51 -3.81 0.00
CA PHE A 55 4.80 -3.24 0.44
C PHE A 55 6.00 -4.23 0.32
N CYS A 56 5.84 -5.53 0.64
CA CYS A 56 6.87 -6.59 0.37
C CYS A 56 7.23 -6.80 -1.13
N ASN A 57 6.25 -6.61 -2.03
CA ASN A 57 6.41 -6.74 -3.50
C ASN A 57 7.04 -5.44 -4.11
N ARG A 58 6.56 -4.21 -3.80
CA ARG A 58 7.19 -2.96 -4.28
C ARG A 58 8.59 -2.62 -3.67
N ARG A 59 8.89 -2.97 -2.39
CA ARG A 59 10.24 -2.76 -1.77
C ARG A 59 11.46 -3.39 -2.53
N GLN A 60 11.27 -4.56 -3.17
CA GLN A 60 12.30 -5.22 -4.03
C GLN A 60 12.32 -4.80 -5.55
N LYS A 61 11.36 -3.97 -6.04
CA LYS A 61 11.29 -3.50 -7.44
C LYS A 61 10.23 -2.40 -7.36
N GLU A 62 10.79 -1.21 -7.27
CA GLU A 62 10.06 0.04 -6.96
C GLU A 62 9.19 0.58 -8.13
N LYS A 63 9.88 0.96 -9.23
CA LYS A 63 9.22 1.52 -10.46
C LYS A 63 9.32 0.68 -11.77
N ARG A 64 10.43 -0.04 -11.84
CA ARG A 64 10.76 -1.01 -12.90
C ARG A 64 10.23 -2.45 -12.56
N ILE A 65 10.19 -3.31 -13.59
CA ILE A 65 9.76 -4.73 -13.45
C ILE A 65 10.92 -5.57 -14.06
N ASP A 66 10.85 -5.77 -15.38
CA ASP A 66 11.86 -6.52 -16.16
C ASP A 66 12.79 -5.50 -16.88
N ILE A 67 14.06 -5.43 -16.44
CA ILE A 67 15.07 -4.51 -17.00
C ILE A 67 16.46 -5.19 -17.00
#